data_7KAB
#
_entry.id   7KAB
#
_cell.length_a   127.597
_cell.length_b   110.452
_cell.length_c   148.413
_cell.angle_alpha   90.000
_cell.angle_beta   105.070
_cell.angle_gamma   90.000
#
_symmetry.space_group_name_H-M   'C 1 2 1'
#
loop_
_entity.id
_entity.type
_entity.pdbx_description
1 polymer 'Phenylalanine--tRNA ligase alpha subunit'
2 polymer 'Phenylalanine--tRNA ligase beta subunit'
3 polymer tRNA(Phe)
4 non-polymer PHENYLALANINE
5 non-polymer R-1,2-PROPANEDIOL
6 non-polymer 'MAGNESIUM ION'
7 non-polymer GLYCEROL
8 non-polymer 'SULFATE ION'
9 non-polymer S-1,2-PROPANEDIOL
10 water water
#
loop_
_entity_poly.entity_id
_entity_poly.type
_entity_poly.pdbx_seq_one_letter_code
_entity_poly.pdbx_strand_id
1 'polypeptide(L)'
;MLSPEALTTAVDAAQQAIALADTLDVLARVKTEHLGDRSPLALARQALAVLPKEQRAEAGKRVNAARNAAQRSYDERLAT
LRAERDAAVLVAEGIDVTLPSTRVPAGARHPIIMLAEHVADTFIAMGWELAEGPEVETEQFNFDALNFPADHPARGEQDT
FYIAPEDSRQLLRTHTSPVQIRTLLARELPVYIISIGRTFRTDELDATHTPIFHQVEGLAVDRGLSMAHLRGTLDAFARA
EFGPSARTRIRPHFFPFTEPSAEVDVWFANKIGGAAWVEWGGCGMVHPNVLRATGIDPDLYSGFAFGMGLERTLQFRNGI
PDMRDMVEGDVRFSLPFGVGA
;
A
2 'polypeptide(L)'
;QSNAMRLPYSWLREVVAVGASGWDVTPGELEQTLLRIGHEVEEVIPLGPVDGPVTVGRVADIEELTGYKKPIRACAVDIG
DRQYREIICGATNFAVGDLVVVALPGATLPGGFTISARKAYGRNSDGMICSAAELNLGADHSGILVLPPGAAEPGADGAG
VLGLDDVVFHLAITPDRGYCMSVRGLARELACAYDLDFVDPASNSRVPPLPIEGPAWPLTVQPETGVRRFALRPVIGIDP
AAVSPWWLQRRLLLCGIRATCPAVDVTNYVMLELGHPMHAHDRNRISGTLGVRFARSGETAVTLDGIERKLDTADVLIVD
DAATAAIGGVMGAASTEVRADSTDVLLEAAIWDPAAVSRTQRRLHLPSEAARRYERTVDPAISVAALDRCARLLADIAGG
EVSPTLTDWRGDPPCDDWSPPPIRMGVDVPDRIAGVAYPQGTTARRLAQIGAVVTHDGDTLTVTPPSWRPDLRQPADLVE
EVLRLEGLEVIPSVLPPAPAGRGLTAGQQRRRTIGRSLALSGYVEILPTPFLPAGVFDLWGLEADDSRRMTTRVLNPLEA
DRPQLATTLLPALLEALVRNVSRGLVDVALFAIAQVVQPTEQTRGVGLIPVDRRPTDDEIAMLDASLPRQPQHVAAVLAG
LREPRGPWGPGRPVEAADAFEAVRIIARASRVDVTLRPAQYLPWHPGRCAQVFVGESSVGHAGQLHPAVIERSGLPKGTC
AVELNLDAIPCSAPLPAPRVSPYPAVFQDVSLVVAADIPAQAVADAVRAGAGDLLEDIALFDVFTGPQIGEHRKSLTFAL
RFRAPDRTLTEDDASAARDAAVQSAAERVGAVLRG
;
B
3 'polyribonucleotide' GGCCAGGUAGCUCAGUCGGUAUGAGCGUCCGCCUGAAAAGCGGAAGGUCGGCGGUUCGAUCCCGCCCCUGGCCACCA C
#
loop_
_chem_comp.id
_chem_comp.type
_chem_comp.name
_chem_comp.formula
A RNA linking ADENOSINE-5'-MONOPHOSPHATE 'C10 H14 N5 O7 P'
C RNA linking CYTIDINE-5'-MONOPHOSPHATE 'C9 H14 N3 O8 P'
G RNA linking GUANOSINE-5'-MONOPHOSPHATE 'C10 H14 N5 O8 P'
GOL non-polymer GLYCEROL 'C3 H8 O3'
MG non-polymer 'MAGNESIUM ION' 'Mg 2'
PGO non-polymer S-1,2-PROPANEDIOL 'C3 H8 O2'
PGR non-polymer R-1,2-PROPANEDIOL 'C3 H8 O2'
SO4 non-polymer 'SULFATE ION' 'O4 S -2'
U RNA linking URIDINE-5'-MONOPHOSPHATE 'C9 H13 N2 O9 P'
#
# COMPACT_ATOMS: atom_id res chain seq x y z
N PRO A 4 92.47 -38.84 30.60
CA PRO A 4 93.12 -38.45 31.86
C PRO A 4 92.19 -38.60 33.05
N GLU A 5 92.12 -37.56 33.89
CA GLU A 5 91.20 -37.50 35.03
C GLU A 5 90.68 -36.06 35.12
N ALA A 6 89.67 -35.76 34.30
CA ALA A 6 89.06 -34.43 34.25
C ALA A 6 87.63 -34.46 34.79
N LEU A 7 87.43 -35.18 35.89
CA LEU A 7 86.10 -35.25 36.51
C LEU A 7 85.82 -34.03 37.38
N THR A 8 86.84 -33.29 37.78
CA THR A 8 86.67 -32.10 38.61
C THR A 8 86.94 -30.80 37.88
N THR A 9 87.66 -30.84 36.76
CA THR A 9 88.01 -29.63 36.02
C THR A 9 87.25 -29.47 34.72
N ALA A 10 86.49 -30.48 34.29
CA ALA A 10 85.73 -30.42 33.05
C ALA A 10 84.24 -30.64 33.26
N VAL A 11 83.85 -31.59 34.10
CA VAL A 11 82.43 -31.79 34.39
C VAL A 11 81.94 -30.75 35.39
N ASP A 12 82.71 -30.52 36.46
CA ASP A 12 82.30 -29.55 37.47
C ASP A 12 82.45 -28.12 36.96
N ALA A 13 83.43 -27.86 36.10
CA ALA A 13 83.59 -26.52 35.54
C ALA A 13 82.48 -26.19 34.54
N ALA A 14 81.80 -27.20 33.99
CA ALA A 14 80.71 -26.98 33.06
C ALA A 14 79.35 -26.95 33.76
N GLN A 15 79.16 -27.78 34.80
CA GLN A 15 77.89 -27.81 35.51
C GLN A 15 77.61 -26.55 36.30
N GLN A 16 78.64 -25.73 36.58
CA GLN A 16 78.44 -24.42 37.21
C GLN A 16 78.30 -23.29 36.20
N ALA A 17 78.92 -23.40 35.01
CA ALA A 17 78.73 -22.43 33.94
C ALA A 17 77.42 -22.64 33.17
N ILE A 18 76.90 -23.88 33.15
CA ILE A 18 75.62 -24.13 32.51
C ILE A 18 74.48 -23.59 33.38
N ALA A 19 74.52 -23.88 34.68
CA ALA A 19 73.50 -23.40 35.59
C ALA A 19 73.54 -21.89 35.78
N LEU A 20 74.67 -21.25 35.45
CA LEU A 20 74.80 -19.81 35.57
C LEU A 20 74.16 -19.06 34.41
N ALA A 21 73.95 -19.73 33.28
CA ALA A 21 73.36 -19.08 32.11
C ALA A 21 71.86 -18.93 32.30
N ASP A 22 71.36 -17.70 32.07
CA ASP A 22 69.94 -17.39 32.18
C ASP A 22 69.35 -16.93 30.86
N THR A 23 70.03 -17.21 29.75
CA THR A 23 69.59 -16.81 28.42
C THR A 23 70.02 -17.88 27.42
N LEU A 24 69.16 -18.11 26.41
CA LEU A 24 69.52 -19.08 25.38
C LEU A 24 70.76 -18.64 24.62
N ASP A 25 71.04 -17.35 24.61
CA ASP A 25 72.24 -16.86 23.97
C ASP A 25 73.47 -17.11 24.84
N VAL A 26 73.33 -16.90 26.15
CA VAL A 26 74.43 -17.21 27.07
C VAL A 26 74.69 -18.70 27.11
N LEU A 27 73.62 -19.51 27.10
CA LEU A 27 73.78 -20.95 27.12
C LEU A 27 74.35 -21.47 25.81
N ALA A 28 74.14 -20.75 24.70
CA ALA A 28 74.69 -21.16 23.42
C ALA A 28 76.22 -21.05 23.42
N ARG A 29 76.76 -20.01 24.07
CA ARG A 29 78.21 -19.85 24.14
C ARG A 29 78.83 -20.91 25.06
N VAL A 30 78.18 -21.17 26.20
CA VAL A 30 78.69 -22.18 27.13
C VAL A 30 78.68 -23.56 26.49
N LYS A 31 77.79 -23.77 25.51
CA LYS A 31 77.73 -25.07 24.83
C LYS A 31 79.02 -25.35 24.07
N THR A 32 79.41 -24.45 23.17
CA THR A 32 80.58 -24.67 22.33
C THR A 32 81.88 -24.60 23.13
N GLU A 33 81.86 -23.94 24.29
CA GLU A 33 83.08 -23.84 25.10
C GLU A 33 83.28 -25.06 26.00
N HIS A 34 82.19 -25.69 26.44
CA HIS A 34 82.28 -26.80 27.37
C HIS A 34 81.81 -28.14 26.81
N LEU A 35 81.07 -28.15 25.70
CA LEU A 35 80.63 -29.39 25.06
C LEU A 35 80.82 -29.39 23.55
N GLY A 36 81.33 -28.30 22.97
CA GLY A 36 81.52 -28.23 21.54
C GLY A 36 82.63 -29.15 21.06
N ASP A 37 82.91 -29.04 19.77
CA ASP A 37 83.96 -29.86 19.17
C ASP A 37 85.34 -29.44 19.66
N ARG A 38 85.51 -28.18 20.05
CA ARG A 38 86.76 -27.68 20.58
C ARG A 38 86.82 -27.73 22.10
N SER A 39 85.91 -28.46 22.73
CA SER A 39 85.85 -28.52 24.18
C SER A 39 86.87 -29.53 24.73
N PRO A 40 87.35 -29.31 25.97
CA PRO A 40 88.23 -30.31 26.58
C PRO A 40 87.58 -31.67 26.73
N LEU A 41 86.27 -31.72 27.01
CA LEU A 41 85.59 -33.00 27.11
C LEU A 41 85.53 -33.72 25.76
N ALA A 42 85.56 -32.95 24.66
CA ALA A 42 85.58 -33.57 23.35
C ALA A 42 86.94 -34.17 23.01
N LEU A 43 88.00 -33.63 23.62
CA LEU A 43 89.35 -34.11 23.34
C LEU A 43 89.57 -35.54 23.84
N ALA A 44 88.75 -36.00 24.80
CA ALA A 44 88.93 -37.36 25.30
C ALA A 44 88.46 -38.40 24.29
N ARG A 45 87.34 -38.12 23.60
CA ARG A 45 86.85 -39.05 22.59
C ARG A 45 87.62 -38.95 21.29
N GLN A 46 88.13 -37.75 20.96
CA GLN A 46 88.94 -37.60 19.75
C GLN A 46 90.22 -38.42 19.80
N ALA A 47 90.67 -38.79 21.00
CA ALA A 47 91.86 -39.62 21.19
C ALA A 47 91.52 -40.84 22.04
N LEU A 48 90.32 -41.38 21.87
CA LEU A 48 89.87 -42.54 22.63
C LEU A 48 90.13 -43.86 21.89
N ALA A 49 90.60 -43.81 20.65
CA ALA A 49 90.90 -45.01 19.88
C ALA A 49 92.39 -45.26 19.72
N VAL A 50 93.25 -44.34 20.18
CA VAL A 50 94.69 -44.52 20.12
C VAL A 50 95.17 -45.17 21.41
N LEU A 51 94.22 -45.66 22.22
CA LEU A 51 94.49 -46.30 23.50
C LEU A 51 94.37 -47.81 23.36
N PRO A 52 95.33 -48.59 23.88
CA PRO A 52 95.25 -50.05 23.84
C PRO A 52 94.14 -50.60 24.74
N ARG A 56 89.69 -48.36 27.46
CA ARG A 56 88.49 -48.75 26.74
C ARG A 56 87.42 -49.28 27.68
N ALA A 57 87.72 -50.38 28.37
CA ALA A 57 86.72 -50.98 29.25
C ALA A 57 86.77 -50.37 30.63
N GLU A 58 87.97 -50.14 31.16
CA GLU A 58 88.10 -49.58 32.49
C GLU A 58 88.10 -48.06 32.49
N ALA A 59 88.28 -47.43 31.33
CA ALA A 59 88.29 -45.99 31.23
C ALA A 59 87.20 -45.42 30.34
N GLY A 60 86.65 -46.21 29.42
CA GLY A 60 85.62 -45.69 28.53
C GLY A 60 84.34 -45.33 29.27
N LYS A 61 83.88 -46.22 30.14
CA LYS A 61 82.70 -45.93 30.94
C LYS A 61 82.94 -44.81 31.93
N ARG A 62 84.21 -44.53 32.28
CA ARG A 62 84.54 -43.40 33.12
C ARG A 62 84.72 -42.12 32.34
N VAL A 63 85.08 -42.22 31.05
CA VAL A 63 85.15 -41.03 30.21
C VAL A 63 83.78 -40.69 29.65
N ASN A 64 83.01 -41.71 29.26
CA ASN A 64 81.65 -41.46 28.77
C ASN A 64 80.76 -40.90 29.87
N ALA A 65 80.99 -41.30 31.12
CA ALA A 65 80.22 -40.74 32.23
C ALA A 65 80.53 -39.27 32.46
N ALA A 66 81.66 -38.79 31.95
CA ALA A 66 81.97 -37.36 32.05
C ALA A 66 81.12 -36.54 31.08
N ARG A 67 80.77 -37.13 29.93
CA ARG A 67 79.89 -36.45 28.98
C ARG A 67 78.42 -36.74 29.24
N ASN A 68 78.10 -37.93 29.78
CA ASN A 68 76.72 -38.23 30.13
C ASN A 68 76.23 -37.34 31.27
N ALA A 69 77.12 -36.90 32.15
CA ALA A 69 76.76 -35.97 33.21
C ALA A 69 76.77 -34.52 32.75
N ALA A 70 77.64 -34.17 31.81
CA ALA A 70 77.68 -32.81 31.30
C ALA A 70 76.59 -32.56 30.27
N GLN A 71 76.10 -33.62 29.62
CA GLN A 71 75.00 -33.46 28.68
C GLN A 71 73.69 -33.23 29.40
N ARG A 72 73.49 -33.90 30.53
CA ARG A 72 72.27 -33.72 31.31
C ARG A 72 72.13 -32.29 31.80
N SER A 73 73.25 -31.67 32.21
CA SER A 73 73.19 -30.29 32.68
C SER A 73 72.79 -29.35 31.56
N TYR A 74 73.32 -29.55 30.35
CA TYR A 74 72.92 -28.72 29.22
C TYR A 74 71.49 -29.00 28.80
N ASP A 75 71.07 -30.27 28.81
CA ASP A 75 69.72 -30.62 28.37
C ASP A 75 68.67 -30.15 29.37
N GLU A 76 68.93 -30.32 30.66
CA GLU A 76 67.97 -29.86 31.67
C GLU A 76 67.94 -28.35 31.81
N ARG A 77 68.99 -27.66 31.36
CA ARG A 77 68.98 -26.20 31.36
C ARG A 77 68.40 -25.63 30.08
N LEU A 78 68.64 -26.30 28.94
CA LEU A 78 68.06 -25.85 27.69
C LEU A 78 66.54 -25.95 27.70
N ALA A 79 66.02 -27.11 28.13
CA ALA A 79 64.57 -27.28 28.20
C ALA A 79 63.96 -26.31 29.21
N THR A 80 64.66 -26.05 30.32
CA THR A 80 64.15 -25.11 31.31
C THR A 80 64.08 -23.71 30.75
N LEU A 81 65.16 -23.25 30.10
CA LEU A 81 65.15 -21.92 29.51
C LEU A 81 64.21 -21.86 28.30
N ARG A 82 64.02 -22.99 27.61
CA ARG A 82 63.04 -23.01 26.53
C ARG A 82 61.62 -22.93 27.08
N ALA A 83 61.36 -23.58 28.22
CA ALA A 83 60.04 -23.47 28.83
C ALA A 83 59.77 -22.06 29.31
N GLU A 84 60.77 -21.40 29.91
CA GLU A 84 60.61 -20.02 30.34
C GLU A 84 60.37 -19.10 29.15
N ARG A 85 61.07 -19.34 28.04
CA ARG A 85 60.90 -18.52 26.86
C ARG A 85 59.53 -18.73 26.22
N ASP A 86 59.09 -19.98 26.12
CA ASP A 86 57.79 -20.26 25.52
C ASP A 86 56.65 -19.73 26.39
N ALA A 87 56.76 -19.90 27.71
CA ALA A 87 55.71 -19.41 28.60
C ALA A 87 55.62 -17.88 28.57
N ALA A 88 56.74 -17.20 28.33
CA ALA A 88 56.74 -15.74 28.32
C ALA A 88 56.17 -15.18 27.02
N VAL A 89 56.34 -15.88 25.90
CA VAL A 89 55.75 -15.42 24.65
C VAL A 89 54.22 -15.45 24.72
N LEU A 90 53.67 -16.47 25.38
CA LEU A 90 52.22 -16.61 25.45
C LEU A 90 51.59 -15.47 26.24
N VAL A 91 52.19 -15.09 27.37
CA VAL A 91 51.63 -14.00 28.17
C VAL A 91 51.84 -12.67 27.47
N ALA A 92 52.94 -12.53 26.72
CA ALA A 92 53.18 -11.29 25.99
C ALA A 92 52.29 -11.17 24.76
N GLU A 93 51.68 -12.25 24.30
CA GLU A 93 50.80 -12.23 23.14
C GLU A 93 49.33 -12.17 23.52
N GLY A 94 49.01 -11.94 24.79
CA GLY A 94 47.62 -11.85 25.19
C GLY A 94 46.94 -10.65 24.58
N ILE A 95 45.66 -10.81 24.25
CA ILE A 95 44.84 -9.74 23.69
C ILE A 95 43.51 -9.70 24.42
N ASP A 96 42.81 -8.58 24.26
CA ASP A 96 41.43 -8.45 24.74
C ASP A 96 40.53 -9.06 23.67
N VAL A 97 40.04 -10.28 23.93
CA VAL A 97 39.20 -10.97 22.96
C VAL A 97 37.82 -10.36 22.82
N THR A 98 37.48 -9.36 23.63
CA THR A 98 36.17 -8.72 23.57
C THR A 98 36.15 -7.43 22.75
N LEU A 99 37.27 -7.09 22.11
CA LEU A 99 37.32 -5.89 21.28
C LEU A 99 36.36 -6.02 20.11
N PRO A 100 35.83 -4.90 19.61
CA PRO A 100 35.04 -4.96 18.37
C PRO A 100 35.92 -5.45 17.22
N SER A 101 35.32 -6.26 16.35
CA SER A 101 36.07 -6.89 15.27
C SER A 101 35.48 -6.64 13.88
N THR A 102 34.32 -6.00 13.78
CA THR A 102 33.62 -5.89 12.51
C THR A 102 34.16 -4.70 11.74
N ARG A 103 35.09 -4.96 10.83
CA ARG A 103 35.61 -3.94 9.94
C ARG A 103 34.70 -3.67 8.74
N VAL A 104 33.85 -4.63 8.40
CA VAL A 104 32.87 -4.49 7.31
C VAL A 104 31.49 -4.60 7.93
N PRO A 105 30.90 -3.50 8.41
CA PRO A 105 29.60 -3.58 9.10
C PRO A 105 28.55 -4.24 8.21
N ALA A 106 27.66 -5.01 8.85
CA ALA A 106 26.59 -5.66 8.13
C ALA A 106 25.58 -4.62 7.64
N GLY A 107 25.00 -4.89 6.48
CA GLY A 107 23.91 -4.10 5.93
C GLY A 107 22.57 -4.72 6.23
N ALA A 108 21.61 -4.49 5.34
CA ALA A 108 20.26 -5.02 5.55
C ALA A 108 19.39 -4.88 4.31
N ARG A 109 18.80 -5.99 3.87
CA ARG A 109 17.71 -5.93 2.92
C ARG A 109 16.48 -5.36 3.62
N HIS A 110 15.59 -4.76 2.83
CA HIS A 110 14.50 -4.03 3.43
C HIS A 110 13.51 -5.00 4.08
N PRO A 111 12.96 -4.65 5.25
CA PRO A 111 12.01 -5.55 5.92
C PRO A 111 10.79 -5.89 5.08
N ILE A 112 10.29 -4.94 4.30
CA ILE A 112 9.17 -5.22 3.41
C ILE A 112 9.57 -6.26 2.36
N ILE A 113 10.78 -6.12 1.82
CA ILE A 113 11.28 -7.11 0.86
C ILE A 113 11.39 -8.48 1.51
N MET A 114 11.92 -8.53 2.74
CA MET A 114 12.05 -9.81 3.44
C MET A 114 10.69 -10.40 3.77
N LEU A 115 9.73 -9.55 4.15
CA LEU A 115 8.36 -10.04 4.32
C LEU A 115 7.82 -10.60 3.02
N ALA A 116 8.09 -9.91 1.90
CA ALA A 116 7.67 -10.44 0.59
C ALA A 116 8.32 -11.78 0.32
N GLU A 117 9.61 -11.93 0.62
CA GLU A 117 10.31 -13.18 0.37
C GLU A 117 9.69 -14.33 1.15
N HIS A 118 9.36 -14.09 2.43
CA HIS A 118 8.72 -15.14 3.22
C HIS A 118 7.35 -15.49 2.67
N VAL A 119 6.58 -14.48 2.23
CA VAL A 119 5.30 -14.74 1.61
C VAL A 119 5.48 -15.57 0.35
N ALA A 120 6.46 -15.19 -0.48
CA ALA A 120 6.73 -15.93 -1.70
C ALA A 120 7.10 -17.37 -1.41
N ASP A 121 8.02 -17.58 -0.48
CA ASP A 121 8.46 -18.94 -0.16
C ASP A 121 7.30 -19.78 0.35
N THR A 122 6.38 -19.16 1.09
CA THR A 122 5.23 -19.88 1.61
C THR A 122 4.40 -20.48 0.48
N PHE A 123 4.13 -19.69 -0.57
CA PHE A 123 3.30 -20.19 -1.66
C PHE A 123 4.06 -21.10 -2.60
N ILE A 124 5.36 -20.86 -2.79
CA ILE A 124 6.17 -21.76 -3.60
C ILE A 124 6.17 -23.16 -3.01
N ALA A 125 6.30 -23.26 -1.68
CA ALA A 125 6.24 -24.55 -1.00
C ALA A 125 4.88 -25.23 -1.13
N MET A 126 3.85 -24.52 -1.59
CA MET A 126 2.56 -25.11 -1.86
C MET A 126 2.35 -25.41 -3.35
N GLY A 127 3.41 -25.27 -4.16
CA GLY A 127 3.32 -25.52 -5.58
C GLY A 127 2.93 -24.32 -6.41
N TRP A 128 2.72 -23.16 -5.81
CA TRP A 128 2.37 -21.96 -6.54
C TRP A 128 3.62 -21.32 -7.14
N GLU A 129 3.41 -20.38 -8.07
CA GLU A 129 4.49 -19.68 -8.73
C GLU A 129 4.30 -18.17 -8.59
N LEU A 130 5.36 -17.44 -8.91
CA LEU A 130 5.36 -15.98 -8.82
C LEU A 130 5.15 -15.38 -10.19
N ALA A 131 4.17 -14.49 -10.30
CA ALA A 131 3.89 -13.75 -11.53
C ALA A 131 4.22 -12.27 -11.33
N GLU A 132 4.42 -11.57 -12.44
CA GLU A 132 4.93 -10.21 -12.39
C GLU A 132 4.17 -9.31 -13.37
N GLY A 133 4.25 -8.01 -13.11
CA GLY A 133 3.64 -7.00 -13.96
C GLY A 133 4.22 -5.62 -13.71
N PRO A 134 4.08 -4.72 -14.67
CA PRO A 134 4.70 -3.40 -14.54
C PRO A 134 3.93 -2.48 -13.60
N GLU A 135 4.65 -1.48 -13.08
CA GLU A 135 4.04 -0.52 -12.18
C GLU A 135 3.20 0.52 -12.92
N VAL A 136 3.67 0.98 -14.06
CA VAL A 136 2.87 1.83 -14.94
C VAL A 136 2.05 0.92 -15.84
N GLU A 137 0.73 1.02 -15.74
CA GLU A 137 -0.18 0.05 -16.31
C GLU A 137 -1.23 0.75 -17.14
N THR A 138 -1.78 0.02 -18.11
CA THR A 138 -2.90 0.53 -18.87
C THR A 138 -4.16 0.53 -18.03
N GLU A 139 -5.07 1.47 -18.34
CA GLU A 139 -6.39 1.43 -17.75
C GLU A 139 -7.16 0.20 -18.18
N GLN A 140 -6.80 -0.40 -19.32
CA GLN A 140 -7.46 -1.62 -19.77
C GLN A 140 -7.31 -2.74 -18.75
N PHE A 141 -6.11 -2.95 -18.23
CA PHE A 141 -5.85 -4.03 -17.30
C PHE A 141 -6.09 -3.63 -15.85
N ASN A 142 -5.88 -2.37 -15.51
CA ASN A 142 -6.06 -1.94 -14.11
C ASN A 142 -7.54 -1.85 -13.75
N PHE A 143 -8.40 -1.54 -14.72
CA PHE A 143 -9.80 -1.26 -14.45
C PHE A 143 -10.76 -2.03 -15.37
N ASP A 144 -10.65 -1.80 -16.68
CA ASP A 144 -11.67 -2.27 -17.62
C ASP A 144 -11.76 -3.79 -17.63
N ALA A 145 -10.63 -4.48 -17.81
CA ALA A 145 -10.65 -5.93 -17.84
C ALA A 145 -10.98 -6.53 -16.48
N LEU A 146 -10.83 -5.76 -15.41
CA LEU A 146 -11.19 -6.20 -14.08
C LEU A 146 -12.63 -5.86 -13.72
N ASN A 147 -13.49 -5.62 -14.71
CA ASN A 147 -14.93 -5.46 -14.55
C ASN A 147 -15.31 -4.16 -13.84
N PHE A 148 -14.38 -3.21 -13.73
CA PHE A 148 -14.73 -1.89 -13.22
C PHE A 148 -15.70 -1.22 -14.17
N PRO A 149 -16.79 -0.63 -13.67
CA PRO A 149 -17.65 0.17 -14.54
C PRO A 149 -17.00 1.50 -14.86
N ALA A 150 -17.39 2.06 -16.00
CA ALA A 150 -16.91 3.37 -16.41
C ALA A 150 -17.92 4.45 -16.02
N ASP A 151 -17.41 5.65 -15.76
CA ASP A 151 -18.24 6.78 -15.33
C ASP A 151 -19.10 6.38 -14.13
N HIS A 152 -18.44 5.79 -13.12
CA HIS A 152 -19.11 5.23 -11.98
C HIS A 152 -18.22 5.42 -10.75
N PRO A 153 -18.81 5.71 -9.58
CA PRO A 153 -17.98 5.97 -8.39
C PRO A 153 -17.05 4.84 -8.02
N ALA A 154 -17.42 3.58 -8.30
CA ALA A 154 -16.55 2.45 -7.99
C ALA A 154 -15.21 2.55 -8.72
N ARG A 155 -15.13 3.36 -9.76
CA ARG A 155 -13.91 3.60 -10.50
C ARG A 155 -13.39 5.01 -10.34
N GLY A 156 -14.25 6.02 -10.56
CA GLY A 156 -13.80 7.39 -10.53
C GLY A 156 -13.35 7.85 -9.15
N GLU A 157 -13.92 7.26 -8.09
CA GLU A 157 -13.54 7.62 -6.74
C GLU A 157 -12.42 6.74 -6.19
N GLN A 158 -11.75 5.98 -7.05
CA GLN A 158 -10.50 5.35 -6.66
C GLN A 158 -9.40 6.42 -6.56
N ASP A 159 -8.45 6.18 -5.65
CA ASP A 159 -7.37 7.13 -5.41
C ASP A 159 -6.24 6.85 -6.40
N THR A 160 -6.45 7.29 -7.63
CA THR A 160 -5.65 6.87 -8.78
C THR A 160 -4.68 7.97 -9.20
N PHE A 161 -3.42 7.61 -9.41
CA PHE A 161 -2.45 8.49 -10.07
C PHE A 161 -2.60 8.36 -11.58
N TYR A 162 -3.13 9.38 -12.23
CA TYR A 162 -3.27 9.34 -13.68
C TYR A 162 -2.06 9.98 -14.35
N ILE A 163 -1.75 9.50 -15.56
CA ILE A 163 -0.52 9.84 -16.27
C ILE A 163 -0.87 10.72 -17.47
N ALA A 164 -0.10 11.79 -17.65
CA ALA A 164 -0.34 12.71 -18.76
C ALA A 164 -0.03 12.03 -20.10
N PRO A 165 -0.75 12.42 -21.17
CA PRO A 165 -1.80 13.44 -21.24
C PRO A 165 -3.14 12.99 -20.66
N GLU A 166 -4.15 13.87 -20.77
CA GLU A 166 -5.45 13.59 -20.16
C GLU A 166 -6.09 12.34 -20.75
N ASP A 167 -5.92 12.10 -22.05
CA ASP A 167 -6.59 11.01 -22.74
C ASP A 167 -5.72 9.78 -22.89
N SER A 168 -4.65 9.65 -22.09
CA SER A 168 -3.70 8.58 -22.28
C SER A 168 -4.18 7.23 -21.76
N ARG A 169 -5.14 7.22 -20.83
CA ARG A 169 -5.60 5.99 -20.18
C ARG A 169 -4.42 5.20 -19.63
N GLN A 170 -3.37 5.89 -19.22
CA GLN A 170 -2.23 5.31 -18.52
C GLN A 170 -2.24 5.77 -17.07
N LEU A 171 -1.70 4.94 -16.19
CA LEU A 171 -1.74 5.24 -14.76
C LEU A 171 -0.72 4.38 -14.03
N LEU A 172 -0.36 4.85 -12.84
CA LEU A 172 0.29 3.99 -11.86
C LEU A 172 -0.76 3.05 -11.28
N ARG A 173 -0.48 1.75 -11.31
CA ARG A 173 -1.50 0.78 -10.92
C ARG A 173 -1.90 0.99 -9.47
N THR A 174 -3.21 0.98 -9.21
CA THR A 174 -3.75 1.17 -7.87
C THR A 174 -3.75 -0.11 -7.05
N HIS A 175 -3.37 -1.24 -7.65
CA HIS A 175 -3.38 -2.54 -7.01
C HIS A 175 -2.64 -3.51 -7.91
N THR A 176 -2.31 -4.67 -7.36
CA THR A 176 -1.64 -5.72 -8.14
C THR A 176 -2.62 -6.59 -8.93
N SER A 177 -3.92 -6.32 -8.84
CA SER A 177 -4.89 -7.14 -9.53
C SER A 177 -4.77 -7.14 -11.06
N PRO A 178 -4.23 -6.12 -11.74
CA PRO A 178 -4.01 -6.26 -13.19
C PRO A 178 -3.08 -7.41 -13.55
N VAL A 179 -2.29 -7.91 -12.60
CA VAL A 179 -1.48 -9.10 -12.88
C VAL A 179 -2.37 -10.33 -13.05
N GLN A 180 -3.58 -10.32 -12.48
CA GLN A 180 -4.54 -11.38 -12.78
C GLN A 180 -4.80 -11.47 -14.28
N ILE A 181 -5.04 -10.32 -14.91
CA ILE A 181 -5.33 -10.30 -16.34
C ILE A 181 -4.11 -10.76 -17.13
N ARG A 182 -2.93 -10.23 -16.78
CA ARG A 182 -1.72 -10.56 -17.52
C ARG A 182 -1.39 -12.04 -17.41
N THR A 183 -1.61 -12.64 -16.24
CA THR A 183 -1.31 -14.05 -16.06
C THR A 183 -2.25 -14.93 -16.87
N LEU A 184 -3.55 -14.63 -16.81
CA LEU A 184 -4.52 -15.46 -17.54
C LEU A 184 -4.35 -15.33 -19.05
N LEU A 185 -3.83 -14.20 -19.53
CA LEU A 185 -3.55 -14.06 -20.96
C LEU A 185 -2.28 -14.78 -21.37
N ALA A 186 -1.32 -14.94 -20.46
CA ALA A 186 0.00 -15.46 -20.80
C ALA A 186 0.17 -16.96 -20.52
N ARG A 187 -0.65 -17.54 -19.65
CA ARG A 187 -0.44 -18.91 -19.19
C ARG A 187 -1.63 -19.80 -19.55
N GLU A 188 -1.34 -21.09 -19.65
CA GLU A 188 -2.38 -22.10 -19.84
C GLU A 188 -2.98 -22.47 -18.50
N LEU A 189 -4.28 -22.80 -18.52
CA LEU A 189 -4.94 -23.25 -17.31
C LEU A 189 -4.50 -24.68 -16.97
N PRO A 190 -4.52 -25.07 -15.69
CA PRO A 190 -4.89 -24.25 -14.53
C PRO A 190 -3.78 -23.31 -14.07
N VAL A 191 -4.14 -22.29 -13.30
CA VAL A 191 -3.23 -21.25 -12.86
C VAL A 191 -3.29 -21.14 -11.35
N TYR A 192 -2.13 -21.22 -10.70
CA TYR A 192 -1.98 -21.01 -9.27
C TYR A 192 -0.76 -20.12 -9.08
N ILE A 193 -0.97 -18.81 -8.94
CA ILE A 193 0.13 -17.87 -8.84
C ILE A 193 -0.14 -16.86 -7.72
N ILE A 194 0.94 -16.25 -7.27
CA ILE A 194 0.87 -15.00 -6.51
C ILE A 194 1.72 -13.97 -7.23
N SER A 195 1.54 -12.71 -6.84
CA SER A 195 2.32 -11.61 -7.38
C SER A 195 2.54 -10.59 -6.27
N ILE A 196 3.76 -10.08 -6.18
CA ILE A 196 4.14 -9.12 -5.15
C ILE A 196 4.82 -7.94 -5.83
N GLY A 197 4.30 -6.74 -5.60
CA GLY A 197 4.88 -5.57 -6.23
C GLY A 197 4.29 -4.31 -5.66
N ARG A 198 4.83 -3.18 -6.13
CA ARG A 198 4.41 -1.89 -5.60
C ARG A 198 3.07 -1.47 -6.21
N THR A 199 2.28 -0.76 -5.40
CA THR A 199 1.02 -0.19 -5.83
C THR A 199 0.94 1.25 -5.33
N PHE A 200 0.11 2.05 -6.00
CA PHE A 200 0.13 3.50 -5.82
C PHE A 200 -1.27 4.05 -5.62
N ARG A 201 -1.47 4.79 -4.54
CA ARG A 201 -2.71 5.49 -4.24
C ARG A 201 -2.39 6.93 -3.84
N THR A 202 -3.35 7.82 -4.02
CA THR A 202 -3.14 9.24 -3.73
C THR A 202 -3.41 9.56 -2.25
N ASP A 203 -2.80 8.79 -1.35
CA ASP A 203 -2.93 9.00 0.08
C ASP A 203 -1.68 9.68 0.62
N GLU A 204 -1.87 10.75 1.40
CA GLU A 204 -0.74 11.44 1.99
C GLU A 204 0.00 10.53 2.96
N LEU A 205 1.33 10.60 2.93
CA LEU A 205 2.15 9.80 3.84
C LEU A 205 1.92 10.26 5.27
N ASP A 206 1.51 9.33 6.12
CA ASP A 206 1.37 9.60 7.55
C ASP A 206 1.70 8.32 8.31
N ALA A 207 1.25 8.24 9.56
CA ALA A 207 1.63 7.12 10.42
C ALA A 207 0.99 5.81 9.98
N THR A 208 -0.12 5.85 9.26
CA THR A 208 -0.82 4.64 8.85
C THR A 208 -1.14 4.62 7.36
N HIS A 209 -0.64 5.58 6.59
CA HIS A 209 -0.88 5.63 5.15
C HIS A 209 0.41 5.98 4.43
N THR A 210 0.59 5.39 3.24
CA THR A 210 1.72 5.70 2.39
C THR A 210 1.23 5.62 0.95
N PRO A 211 1.56 6.60 0.11
CA PRO A 211 1.09 6.56 -1.29
C PRO A 211 1.71 5.43 -2.08
N ILE A 212 2.90 4.98 -1.70
CA ILE A 212 3.60 3.89 -2.35
C ILE A 212 3.70 2.76 -1.34
N PHE A 213 3.08 1.63 -1.65
CA PHE A 213 3.13 0.47 -0.77
C PHE A 213 3.22 -0.79 -1.63
N HIS A 214 3.25 -1.94 -0.96
CA HIS A 214 3.38 -3.23 -1.63
C HIS A 214 2.16 -4.09 -1.33
N GLN A 215 1.72 -4.85 -2.32
CA GLN A 215 0.63 -5.79 -2.17
C GLN A 215 1.07 -7.17 -2.63
N VAL A 216 0.49 -8.19 -2.01
CA VAL A 216 0.60 -9.56 -2.50
C VAL A 216 -0.75 -9.94 -3.10
N GLU A 217 -0.74 -10.31 -4.37
CA GLU A 217 -1.94 -10.73 -5.07
C GLU A 217 -1.91 -12.24 -5.21
N GLY A 218 -3.06 -12.88 -5.05
CA GLY A 218 -3.19 -14.32 -5.26
C GLY A 218 -4.24 -14.60 -6.31
N LEU A 219 -3.98 -15.62 -7.13
CA LEU A 219 -4.92 -16.01 -8.17
C LEU A 219 -4.86 -17.52 -8.36
N ALA A 220 -6.03 -18.16 -8.34
CA ALA A 220 -6.13 -19.59 -8.59
C ALA A 220 -7.33 -19.82 -9.50
N VAL A 221 -7.09 -20.36 -10.69
CA VAL A 221 -8.14 -20.67 -11.64
C VAL A 221 -7.99 -22.13 -12.05
N ASP A 222 -9.06 -22.90 -11.86
CA ASP A 222 -9.02 -24.34 -12.11
C ASP A 222 -10.45 -24.84 -12.23
N ARG A 223 -10.58 -26.12 -12.56
CA ARG A 223 -11.88 -26.78 -12.58
C ARG A 223 -12.31 -27.12 -11.14
N GLY A 224 -13.49 -26.64 -10.74
CA GLY A 224 -14.09 -27.01 -9.48
C GLY A 224 -13.64 -26.23 -8.26
N LEU A 225 -12.93 -25.12 -8.43
CA LEU A 225 -12.53 -24.32 -7.29
C LEU A 225 -13.76 -23.67 -6.65
N SER A 226 -13.73 -23.57 -5.32
CA SER A 226 -14.86 -23.05 -4.56
C SER A 226 -14.35 -22.12 -3.46
N MET A 227 -15.30 -21.46 -2.79
CA MET A 227 -14.96 -20.60 -1.66
C MET A 227 -14.22 -21.36 -0.56
N ALA A 228 -14.49 -22.67 -0.44
CA ALA A 228 -13.80 -23.46 0.58
C ALA A 228 -12.31 -23.55 0.29
N HIS A 229 -11.94 -23.64 -0.99
CA HIS A 229 -10.53 -23.64 -1.36
C HIS A 229 -9.89 -22.28 -1.11
N LEU A 230 -10.65 -21.21 -1.36
CA LEU A 230 -10.18 -19.87 -0.99
C LEU A 230 -9.90 -19.80 0.50
N ARG A 231 -10.80 -20.35 1.32
CA ARG A 231 -10.63 -20.28 2.77
C ARG A 231 -9.44 -21.15 3.21
N GLY A 232 -9.25 -22.29 2.57
CA GLY A 232 -8.11 -23.12 2.92
C GLY A 232 -6.79 -22.45 2.61
N THR A 233 -6.73 -21.69 1.52
CA THR A 233 -5.50 -20.98 1.16
C THR A 233 -5.23 -19.83 2.11
N LEU A 234 -6.27 -19.07 2.48
CA LEU A 234 -6.08 -17.96 3.41
C LEU A 234 -5.61 -18.47 4.77
N ASP A 235 -6.18 -19.58 5.25
CA ASP A 235 -5.77 -20.13 6.53
C ASP A 235 -4.30 -20.56 6.50
N ALA A 236 -3.90 -21.29 5.47
CA ALA A 236 -2.50 -21.67 5.33
C ALA A 236 -1.61 -20.43 5.24
N PHE A 237 -2.04 -19.43 4.47
CA PHE A 237 -1.33 -18.17 4.38
C PHE A 237 -1.19 -17.52 5.77
N ALA A 238 -2.29 -17.48 6.52
CA ALA A 238 -2.26 -16.86 7.85
C ALA A 238 -1.37 -17.64 8.80
N ARG A 239 -1.45 -18.97 8.79
CA ARG A 239 -0.63 -19.78 9.69
C ARG A 239 0.86 -19.61 9.41
N ALA A 240 1.22 -19.31 8.17
CA ALA A 240 2.64 -19.16 7.84
C ALA A 240 3.17 -17.78 8.21
N GLU A 241 2.33 -16.75 8.16
CA GLU A 241 2.78 -15.38 8.47
C GLU A 241 2.56 -14.99 9.92
N PHE A 242 1.72 -15.73 10.66
CA PHE A 242 1.39 -15.35 12.03
C PHE A 242 1.48 -16.49 13.04
N GLY A 243 1.66 -17.73 12.61
CA GLY A 243 1.85 -18.82 13.53
C GLY A 243 0.70 -19.81 13.54
N PRO A 244 0.87 -20.92 14.26
CA PRO A 244 -0.15 -21.99 14.22
C PRO A 244 -1.47 -21.60 14.86
N SER A 245 -1.50 -20.58 15.70
CA SER A 245 -2.75 -20.12 16.31
C SER A 245 -3.54 -19.18 15.42
N ALA A 246 -3.02 -18.88 14.23
CA ALA A 246 -3.68 -17.91 13.36
C ALA A 246 -4.96 -18.47 12.77
N ARG A 247 -6.01 -17.65 12.77
CA ARG A 247 -7.28 -17.97 12.15
C ARG A 247 -7.67 -16.85 11.21
N THR A 248 -8.56 -17.16 10.26
CA THR A 248 -9.08 -16.18 9.31
C THR A 248 -10.59 -16.06 9.44
N ARG A 249 -11.08 -14.83 9.32
CA ARG A 249 -12.50 -14.54 9.27
C ARG A 249 -12.83 -13.90 7.94
N ILE A 250 -13.94 -14.30 7.34
CA ILE A 250 -14.37 -13.79 6.04
C ILE A 250 -15.78 -13.25 6.19
N ARG A 251 -16.03 -12.08 5.59
CA ARG A 251 -17.31 -11.39 5.65
C ARG A 251 -17.58 -10.72 4.33
N PRO A 252 -18.85 -10.58 3.94
CA PRO A 252 -19.16 -10.08 2.59
C PRO A 252 -18.68 -8.66 2.38
N HIS A 253 -18.33 -8.36 1.13
CA HIS A 253 -17.88 -7.04 0.74
C HIS A 253 -18.11 -6.90 -0.77
N PHE A 254 -17.45 -5.94 -1.40
CA PHE A 254 -17.59 -5.73 -2.84
C PHE A 254 -16.25 -5.39 -3.46
N PHE A 255 -15.96 -6.04 -4.59
CA PHE A 255 -14.92 -5.65 -5.52
C PHE A 255 -15.48 -5.94 -6.91
N PRO A 256 -15.18 -5.11 -7.90
CA PRO A 256 -15.74 -5.34 -9.25
C PRO A 256 -15.26 -6.63 -9.89
N PHE A 257 -14.08 -7.12 -9.51
CA PHE A 257 -13.49 -8.30 -10.14
C PHE A 257 -13.76 -9.60 -9.39
N THR A 258 -14.56 -9.56 -8.33
CA THR A 258 -14.95 -10.76 -7.61
C THR A 258 -16.45 -10.75 -7.36
N GLU A 259 -17.03 -11.95 -7.35
CA GLU A 259 -18.44 -12.16 -7.06
C GLU A 259 -18.65 -13.64 -6.70
N PRO A 260 -18.82 -13.98 -5.42
CA PRO A 260 -18.92 -13.10 -4.25
C PRO A 260 -17.60 -12.45 -3.84
N SER A 261 -17.69 -11.31 -3.15
CA SER A 261 -16.54 -10.60 -2.64
C SER A 261 -16.53 -10.64 -1.12
N ALA A 262 -15.33 -10.58 -0.54
CA ALA A 262 -15.23 -10.65 0.91
C ALA A 262 -13.98 -9.92 1.37
N GLU A 263 -13.97 -9.58 2.65
CA GLU A 263 -12.80 -9.04 3.33
C GLU A 263 -12.29 -10.06 4.33
N VAL A 264 -10.96 -10.16 4.44
CA VAL A 264 -10.31 -11.16 5.27
C VAL A 264 -9.85 -10.48 6.56
N ASP A 265 -10.31 -11.00 7.69
CA ASP A 265 -9.76 -10.62 8.99
C ASP A 265 -8.86 -11.72 9.50
N VAL A 266 -7.85 -11.35 10.28
CA VAL A 266 -6.89 -12.31 10.81
C VAL A 266 -6.88 -12.23 12.33
N TRP A 267 -6.64 -13.38 12.96
CA TRP A 267 -6.58 -13.52 14.40
C TRP A 267 -5.30 -14.25 14.76
N PHE A 268 -4.40 -13.59 15.49
CA PHE A 268 -3.15 -14.21 15.87
C PHE A 268 -2.83 -13.89 17.32
N ALA A 269 -2.25 -14.87 18.01
CA ALA A 269 -1.90 -14.70 19.41
C ALA A 269 -0.71 -13.77 19.57
N ASN A 270 -0.54 -13.23 20.78
CA ASN A 270 0.50 -12.26 21.08
C ASN A 270 0.41 -11.06 20.15
N LYS A 271 -0.80 -10.57 19.94
CA LYS A 271 -1.04 -9.44 19.04
C LYS A 271 -0.81 -8.11 19.74
N ILE A 272 -1.55 -7.08 19.34
CA ILE A 272 -1.42 -5.76 19.94
C ILE A 272 -2.01 -5.79 21.35
N GLY A 273 -3.24 -5.33 21.49
CA GLY A 273 -3.93 -5.40 22.77
C GLY A 273 -4.56 -6.75 22.99
N GLY A 274 -3.73 -7.79 23.04
CA GLY A 274 -4.23 -9.15 23.10
C GLY A 274 -4.69 -9.63 21.73
N ALA A 275 -5.08 -10.90 21.68
CA ALA A 275 -5.56 -11.47 20.43
C ALA A 275 -6.92 -10.89 20.06
N ALA A 276 -7.01 -10.34 18.85
CA ALA A 276 -8.25 -9.76 18.35
C ALA A 276 -8.24 -9.82 16.82
N TRP A 277 -9.39 -9.50 16.23
CA TRP A 277 -9.53 -9.53 14.79
C TRP A 277 -8.94 -8.26 14.17
N VAL A 278 -8.04 -8.43 13.22
CA VAL A 278 -7.44 -7.34 12.48
C VAL A 278 -7.79 -7.51 11.01
N GLU A 279 -8.24 -6.42 10.38
CA GLU A 279 -8.50 -6.45 8.94
C GLU A 279 -7.20 -6.71 8.20
N TRP A 280 -7.22 -7.68 7.29
CA TRP A 280 -6.02 -8.13 6.60
C TRP A 280 -6.02 -7.82 5.10
N GLY A 281 -7.09 -8.17 4.39
CA GLY A 281 -7.13 -7.90 2.96
C GLY A 281 -8.47 -8.29 2.38
N GLY A 282 -8.55 -8.23 1.05
CA GLY A 282 -9.76 -8.57 0.33
C GLY A 282 -9.62 -9.85 -0.47
N CYS A 283 -10.75 -10.45 -0.85
CA CYS A 283 -10.73 -11.72 -1.56
C CYS A 283 -12.10 -11.95 -2.19
N GLY A 284 -12.23 -13.08 -2.87
CA GLY A 284 -13.49 -13.48 -3.45
C GLY A 284 -13.29 -14.41 -4.62
N MET A 285 -14.40 -14.93 -5.12
CA MET A 285 -14.38 -15.74 -6.34
C MET A 285 -14.21 -14.85 -7.56
N VAL A 286 -13.33 -15.25 -8.48
CA VAL A 286 -13.06 -14.46 -9.67
C VAL A 286 -14.34 -14.25 -10.44
N HIS A 287 -14.60 -13.00 -10.83
CA HIS A 287 -15.82 -12.65 -11.52
C HIS A 287 -15.84 -13.30 -12.91
N PRO A 288 -16.99 -13.85 -13.33
CA PRO A 288 -17.05 -14.46 -14.68
C PRO A 288 -16.78 -13.48 -15.81
N ASN A 289 -17.02 -12.19 -15.60
CA ASN A 289 -16.65 -11.20 -16.61
C ASN A 289 -15.14 -11.11 -16.78
N VAL A 290 -14.39 -11.30 -15.68
CA VAL A 290 -12.93 -11.34 -15.78
C VAL A 290 -12.49 -12.56 -16.59
N LEU A 291 -13.11 -13.71 -16.33
CA LEU A 291 -12.77 -14.90 -17.10
C LEU A 291 -13.11 -14.72 -18.58
N ARG A 292 -14.26 -14.11 -18.87
N ARG A 292 -14.27 -14.11 -18.86
CA ARG A 292 -14.64 -13.90 -20.27
CA ARG A 292 -14.69 -13.86 -20.23
C ARG A 292 -13.74 -12.89 -20.96
C ARG A 292 -13.73 -12.91 -20.93
N ALA A 293 -13.20 -11.92 -20.21
CA ALA A 293 -12.30 -10.94 -20.79
C ALA A 293 -10.91 -11.51 -21.05
N THR A 294 -10.64 -12.74 -20.62
CA THR A 294 -9.39 -13.42 -20.93
C THR A 294 -9.60 -14.68 -21.75
N GLY A 295 -10.82 -14.97 -22.18
CA GLY A 295 -11.07 -16.13 -23.03
C GLY A 295 -11.27 -17.43 -22.29
N ILE A 296 -11.76 -17.38 -21.05
CA ILE A 296 -11.93 -18.56 -20.22
C ILE A 296 -13.40 -18.80 -20.00
N ASP A 297 -13.84 -20.05 -20.20
CA ASP A 297 -15.24 -20.44 -20.08
C ASP A 297 -15.63 -20.52 -18.61
N PRO A 298 -16.50 -19.60 -18.15
CA PRO A 298 -16.89 -19.62 -16.74
C PRO A 298 -17.69 -20.85 -16.35
N ASP A 299 -18.30 -21.55 -17.32
CA ASP A 299 -19.04 -22.77 -17.01
C ASP A 299 -18.13 -23.96 -16.79
N LEU A 300 -16.86 -23.87 -17.22
CA LEU A 300 -15.89 -24.94 -17.02
C LEU A 300 -14.89 -24.62 -15.92
N TYR A 301 -14.47 -23.36 -15.79
CA TYR A 301 -13.45 -22.97 -14.84
C TYR A 301 -13.98 -21.94 -13.85
N SER A 302 -13.58 -22.09 -12.59
CA SER A 302 -13.85 -21.12 -11.55
C SER A 302 -12.53 -20.76 -10.87
N GLY A 303 -12.57 -19.74 -10.01
CA GLY A 303 -11.35 -19.30 -9.38
C GLY A 303 -11.59 -18.35 -8.24
N PHE A 304 -10.56 -18.18 -7.41
CA PHE A 304 -10.58 -17.20 -6.34
C PHE A 304 -9.31 -16.35 -6.41
N ALA A 305 -9.40 -15.17 -5.80
CA ALA A 305 -8.29 -14.23 -5.76
C ALA A 305 -8.27 -13.54 -4.40
N PHE A 306 -7.11 -13.01 -4.04
CA PHE A 306 -6.98 -12.26 -2.80
C PHE A 306 -5.84 -11.24 -2.94
N GLY A 307 -5.82 -10.30 -2.01
CA GLY A 307 -4.82 -9.25 -2.02
C GLY A 307 -4.65 -8.57 -0.67
N MET A 308 -3.42 -8.59 -0.15
CA MET A 308 -3.08 -7.98 1.13
C MET A 308 -1.94 -7.00 0.96
N GLY A 309 -1.98 -5.91 1.71
CA GLY A 309 -0.88 -4.96 1.71
C GLY A 309 0.19 -5.36 2.71
N LEU A 310 1.44 -5.28 2.27
CA LEU A 310 2.55 -5.74 3.10
C LEU A 310 2.90 -4.75 4.20
N GLU A 311 2.88 -3.45 3.89
CA GLU A 311 3.16 -2.44 4.92
C GLU A 311 2.15 -2.54 6.05
N ARG A 312 0.87 -2.69 5.70
CA ARG A 312 -0.17 -2.88 6.71
C ARG A 312 0.09 -4.15 7.51
N THR A 313 0.40 -5.26 6.82
CA THR A 313 0.68 -6.50 7.52
C THR A 313 1.85 -6.36 8.47
N LEU A 314 2.95 -5.74 8.00
CA LEU A 314 4.11 -5.54 8.85
C LEU A 314 3.78 -4.61 10.02
N GLN A 315 2.84 -3.68 9.82
CA GLN A 315 2.56 -2.71 10.86
C GLN A 315 1.91 -3.36 12.07
N PHE A 316 0.81 -4.10 11.87
CA PHE A 316 0.12 -4.67 13.01
C PHE A 316 0.75 -5.96 13.51
N ARG A 317 1.57 -6.62 12.70
CA ARG A 317 2.26 -7.82 13.18
C ARG A 317 3.43 -7.45 14.08
N ASN A 318 4.27 -6.51 13.65
CA ASN A 318 5.45 -6.12 14.41
C ASN A 318 5.17 -5.00 15.40
N GLY A 319 4.08 -4.26 15.23
CA GLY A 319 3.83 -3.12 16.08
C GLY A 319 4.58 -1.87 15.68
N ILE A 320 4.83 -1.67 14.39
CA ILE A 320 5.48 -0.47 13.90
C ILE A 320 4.51 0.69 14.04
N PRO A 321 4.80 1.70 14.85
CA PRO A 321 3.84 2.78 15.06
C PRO A 321 3.70 3.69 13.86
N ASP A 322 4.82 4.10 13.28
CA ASP A 322 4.86 5.10 12.23
C ASP A 322 5.25 4.43 10.91
N MET A 323 4.35 4.46 9.93
CA MET A 323 4.63 3.90 8.62
C MET A 323 5.66 4.71 7.85
N ARG A 324 5.94 5.95 8.28
CA ARG A 324 6.98 6.75 7.63
C ARG A 324 8.33 6.06 7.72
N ASP A 325 8.58 5.32 8.79
CA ASP A 325 9.86 4.64 8.94
C ASP A 325 10.05 3.55 7.90
N MET A 326 8.95 3.02 7.37
CA MET A 326 9.06 1.95 6.39
C MET A 326 9.47 2.45 5.02
N VAL A 327 9.29 3.74 4.73
CA VAL A 327 9.46 4.26 3.38
C VAL A 327 10.55 5.30 3.25
N GLU A 328 11.08 5.83 4.36
CA GLU A 328 12.02 6.94 4.28
C GLU A 328 13.47 6.51 4.13
N GLY A 329 13.78 5.24 4.32
CA GLY A 329 15.13 4.77 4.07
C GLY A 329 16.15 5.08 5.15
N ASP A 330 15.71 5.36 6.38
CA ASP A 330 16.65 5.54 7.47
C ASP A 330 17.26 4.19 7.84
N VAL A 331 18.61 4.12 7.83
CA VAL A 331 19.28 2.85 8.10
C VAL A 331 18.96 2.34 9.50
N ARG A 332 18.57 3.23 10.42
CA ARG A 332 18.24 2.78 11.77
C ARG A 332 16.97 1.94 11.79
N PHE A 333 16.10 2.08 10.80
CA PHE A 333 14.91 1.24 10.75
C PHE A 333 15.23 -0.15 10.21
N SER A 334 16.17 -0.24 9.27
CA SER A 334 16.40 -1.51 8.59
C SER A 334 17.37 -2.40 9.35
N LEU A 335 18.48 -1.83 9.81
CA LEU A 335 19.55 -2.63 10.40
C LEU A 335 19.11 -3.58 11.51
N PRO A 336 18.20 -3.22 12.42
CA PRO A 336 17.79 -4.18 13.47
C PRO A 336 17.08 -5.43 12.92
N PHE A 337 16.66 -5.43 11.66
CA PHE A 337 16.05 -6.62 11.09
C PHE A 337 17.05 -7.66 10.62
N GLY A 338 18.33 -7.33 10.57
CA GLY A 338 19.32 -8.30 10.11
C GLY A 338 19.66 -8.14 8.65
N VAL A 339 20.66 -8.92 8.24
CA VAL A 339 21.14 -8.86 6.86
C VAL A 339 20.07 -9.33 5.89
N GLY A 340 19.37 -10.42 6.23
CA GLY A 340 18.39 -10.95 5.31
C GLY A 340 18.96 -11.95 4.34
N ALA A 341 20.18 -12.43 4.57
CA ALA A 341 20.76 -13.45 3.71
C ALA A 341 20.20 -14.82 4.08
N GLN B 1 -17.77 12.13 1.96
CA GLN B 1 -17.94 10.68 1.93
C GLN B 1 -19.18 10.31 1.13
N SER B 2 -18.98 9.83 -0.10
CA SER B 2 -20.08 9.60 -1.01
C SER B 2 -20.84 8.30 -0.75
N ASN B 3 -20.28 7.38 0.03
CA ASN B 3 -20.94 6.11 0.31
C ASN B 3 -21.52 6.04 1.72
N ALA B 4 -21.60 7.17 2.43
CA ALA B 4 -22.03 7.17 3.80
C ALA B 4 -23.55 6.97 3.90
N MET B 5 -23.98 6.47 5.06
CA MET B 5 -25.40 6.32 5.34
C MET B 5 -25.60 6.37 6.85
N ARG B 6 -26.11 7.48 7.34
CA ARG B 6 -26.47 7.66 8.74
C ARG B 6 -27.97 7.57 8.91
N LEU B 7 -28.40 6.96 10.03
CA LEU B 7 -29.81 6.85 10.37
C LEU B 7 -29.97 6.39 11.81
N PRO B 8 -31.03 6.79 12.50
CA PRO B 8 -31.23 6.36 13.89
C PRO B 8 -31.79 4.95 13.96
N TYR B 9 -31.40 4.24 15.02
CA TYR B 9 -31.90 2.89 15.22
C TYR B 9 -33.41 2.88 15.41
N SER B 10 -33.97 3.91 16.04
CA SER B 10 -35.41 3.96 16.28
C SER B 10 -36.19 3.98 14.98
N TRP B 11 -35.70 4.70 13.97
CA TRP B 11 -36.37 4.73 12.69
C TRP B 11 -36.29 3.38 11.99
N LEU B 12 -35.13 2.72 12.07
CA LEU B 12 -34.97 1.41 11.46
C LEU B 12 -35.90 0.39 12.12
N ARG B 13 -35.93 0.36 13.45
CA ARG B 13 -36.80 -0.56 14.16
C ARG B 13 -38.26 -0.33 13.82
N GLU B 14 -38.66 0.94 13.67
CA GLU B 14 -40.05 1.25 13.35
C GLU B 14 -40.45 0.64 12.01
N VAL B 15 -39.60 0.78 10.99
CA VAL B 15 -39.92 0.22 9.68
C VAL B 15 -39.91 -1.29 9.72
N VAL B 16 -39.00 -1.88 10.49
CA VAL B 16 -38.91 -3.34 10.57
C VAL B 16 -40.06 -3.90 11.39
N ALA B 17 -40.44 -3.21 12.47
CA ALA B 17 -41.48 -3.72 13.37
C ALA B 17 -42.87 -3.68 12.75
N VAL B 18 -43.05 -3.00 11.61
CA VAL B 18 -44.35 -3.01 10.94
C VAL B 18 -44.70 -4.43 10.49
N GLY B 19 -43.72 -5.14 9.94
CA GLY B 19 -43.93 -6.50 9.50
C GLY B 19 -43.72 -7.54 10.57
N ALA B 20 -42.88 -7.21 11.56
CA ALA B 20 -42.58 -8.10 12.69
C ALA B 20 -42.72 -7.29 13.97
N SER B 21 -43.91 -7.29 14.54
CA SER B 21 -44.20 -6.47 15.72
C SER B 21 -43.32 -6.88 16.88
N GLY B 22 -42.87 -5.88 17.65
CA GLY B 22 -42.05 -6.10 18.82
C GLY B 22 -40.61 -6.48 18.56
N TRP B 23 -40.11 -6.28 17.34
CA TRP B 23 -38.72 -6.59 17.04
C TRP B 23 -37.80 -5.56 17.68
N ASP B 24 -36.81 -6.03 18.43
CA ASP B 24 -35.86 -5.14 19.09
C ASP B 24 -34.60 -5.93 19.37
N VAL B 25 -33.45 -5.30 19.11
CA VAL B 25 -32.16 -5.97 19.23
C VAL B 25 -31.14 -4.98 19.76
N THR B 26 -30.14 -5.49 20.49
CA THR B 26 -29.10 -4.64 21.03
C THR B 26 -28.27 -4.03 19.91
N PRO B 27 -27.72 -2.84 20.12
CA PRO B 27 -26.87 -2.23 19.07
C PRO B 27 -25.64 -3.04 18.75
N GLY B 28 -25.10 -3.78 19.73
CA GLY B 28 -23.94 -4.62 19.44
C GLY B 28 -24.29 -5.79 18.54
N GLU B 29 -25.39 -6.48 18.84
CA GLU B 29 -25.83 -7.59 18.00
C GLU B 29 -26.24 -7.09 16.62
N LEU B 30 -26.89 -5.93 16.56
CA LEU B 30 -27.28 -5.35 15.27
C LEU B 30 -26.04 -5.03 14.44
N GLU B 31 -24.97 -4.57 15.09
CA GLU B 31 -23.72 -4.30 14.37
C GLU B 31 -23.14 -5.58 13.78
N GLN B 32 -23.13 -6.66 14.56
CA GLN B 32 -22.59 -7.92 14.07
C GLN B 32 -23.44 -8.50 12.95
N THR B 33 -24.75 -8.25 12.97
CA THR B 33 -25.61 -8.73 11.89
C THR B 33 -25.35 -7.97 10.60
N LEU B 34 -25.17 -6.65 10.69
CA LEU B 34 -24.88 -5.86 9.49
C LEU B 34 -23.55 -6.27 8.87
N LEU B 35 -22.54 -6.54 9.70
CA LEU B 35 -21.25 -6.99 9.19
C LEU B 35 -21.33 -8.38 8.59
N ARG B 36 -22.21 -9.23 9.12
CA ARG B 36 -22.32 -10.60 8.61
C ARG B 36 -22.91 -10.63 7.21
N ILE B 37 -23.72 -9.63 6.86
CA ILE B 37 -24.35 -9.58 5.54
C ILE B 37 -23.68 -8.56 4.63
N GLY B 38 -22.58 -7.94 5.06
CA GLY B 38 -21.77 -7.16 4.15
C GLY B 38 -21.98 -5.66 4.20
N HIS B 39 -22.28 -5.11 5.37
CA HIS B 39 -22.46 -3.67 5.55
C HIS B 39 -21.47 -3.18 6.60
N GLU B 40 -20.49 -2.39 6.17
CA GLU B 40 -19.47 -1.89 7.07
C GLU B 40 -20.06 -0.85 8.01
N VAL B 41 -20.08 -1.16 9.30
CA VAL B 41 -20.51 -0.21 10.33
C VAL B 41 -19.26 0.55 10.77
N GLU B 42 -19.11 1.78 10.28
CA GLU B 42 -17.92 2.56 10.60
C GLU B 42 -17.95 3.11 12.02
N GLU B 43 -19.13 3.37 12.58
CA GLU B 43 -19.22 3.96 13.91
C GLU B 43 -20.63 3.75 14.45
N VAL B 44 -20.71 3.40 15.73
CA VAL B 44 -21.98 3.23 16.44
C VAL B 44 -22.05 4.31 17.51
N ILE B 45 -22.91 5.30 17.30
CA ILE B 45 -22.98 6.49 18.13
C ILE B 45 -24.26 6.42 18.98
N PRO B 46 -24.17 6.17 20.27
CA PRO B 46 -25.34 6.34 21.14
C PRO B 46 -25.49 7.79 21.57
N LEU B 47 -26.75 8.24 21.64
CA LEU B 47 -27.02 9.62 21.99
C LEU B 47 -26.92 9.81 23.51
N GLY B 48 -26.68 11.05 23.91
CA GLY B 48 -26.50 11.37 25.31
C GLY B 48 -25.19 10.87 25.85
N PRO B 49 -25.19 10.41 27.11
CA PRO B 49 -26.35 10.38 27.99
C PRO B 49 -26.41 11.56 28.95
N VAL B 50 -27.59 11.83 29.48
CA VAL B 50 -27.77 12.86 30.50
C VAL B 50 -28.25 12.20 31.78
N ASP B 51 -28.02 12.90 32.89
CA ASP B 51 -28.47 12.43 34.20
C ASP B 51 -28.74 13.63 35.08
N GLY B 52 -29.79 13.53 35.88
CA GLY B 52 -30.19 14.61 36.75
C GLY B 52 -31.27 15.48 36.12
N PRO B 53 -31.41 16.71 36.63
CA PRO B 53 -32.46 17.59 36.12
C PRO B 53 -32.14 18.15 34.73
N VAL B 54 -32.47 17.38 33.70
CA VAL B 54 -32.35 17.82 32.31
C VAL B 54 -33.76 17.76 31.73
N THR B 55 -34.46 18.89 31.72
CA THR B 55 -35.86 18.93 31.32
C THR B 55 -36.08 20.05 30.32
N VAL B 56 -37.17 19.93 29.56
CA VAL B 56 -37.54 20.94 28.57
C VAL B 56 -38.22 22.10 29.27
N GLY B 57 -37.90 23.32 28.83
CA GLY B 57 -38.43 24.52 29.45
C GLY B 57 -39.01 25.48 28.41
N ARG B 58 -39.58 26.57 28.92
CA ARG B 58 -40.17 27.61 28.11
C ARG B 58 -39.66 28.96 28.58
N VAL B 59 -38.95 29.67 27.71
CA VAL B 59 -38.42 30.98 28.07
C VAL B 59 -39.56 31.96 28.27
N ALA B 60 -39.60 32.60 29.44
CA ALA B 60 -40.68 33.52 29.77
C ALA B 60 -40.38 34.95 29.35
N ASP B 61 -39.14 35.40 29.51
CA ASP B 61 -38.75 36.75 29.13
C ASP B 61 -37.27 36.78 28.82
N ILE B 62 -36.85 37.78 28.06
CA ILE B 62 -35.46 37.91 27.65
C ILE B 62 -34.98 39.36 27.86
N GLU B 63 -34.75 39.73 29.11
CA GLU B 63 -34.19 41.06 29.41
C GLU B 63 -32.78 41.11 28.84
N GLU B 64 -32.62 41.77 27.70
CA GLU B 64 -31.34 41.84 27.02
C GLU B 64 -30.38 42.72 27.82
N LEU B 65 -29.22 42.18 28.18
CA LEU B 65 -28.21 42.91 28.94
C LEU B 65 -27.30 43.66 27.97
N THR B 66 -27.36 44.98 27.98
CA THR B 66 -26.58 45.81 27.09
C THR B 66 -25.28 46.27 27.77
N GLY B 67 -24.40 46.87 26.99
CA GLY B 67 -23.13 47.37 27.46
C GLY B 67 -21.95 46.50 27.10
N TYR B 68 -22.17 45.20 26.94
CA TYR B 68 -21.10 44.28 26.59
C TYR B 68 -20.85 44.31 25.08
N LYS B 69 -19.82 43.59 24.65
CA LYS B 69 -19.50 43.49 23.23
C LYS B 69 -20.41 42.48 22.54
N LYS B 70 -20.59 41.31 23.13
CA LYS B 70 -21.43 40.24 22.62
C LYS B 70 -22.86 40.41 23.14
N PRO B 71 -23.87 40.10 22.32
CA PRO B 71 -25.26 40.23 22.77
C PRO B 71 -25.62 39.23 23.87
N ILE B 72 -25.33 39.60 25.12
CA ILE B 72 -25.64 38.76 26.27
C ILE B 72 -27.05 39.05 26.73
N ARG B 73 -27.81 37.99 27.04
CA ARG B 73 -29.19 38.14 27.46
C ARG B 73 -29.47 37.25 28.66
N ALA B 74 -30.35 37.73 29.54
CA ALA B 74 -30.82 36.96 30.68
C ALA B 74 -32.23 36.46 30.39
N CYS B 75 -32.48 35.19 30.69
CA CYS B 75 -33.73 34.54 30.32
C CYS B 75 -34.35 33.86 31.53
N ALA B 76 -35.67 33.99 31.66
CA ALA B 76 -36.43 33.28 32.67
C ALA B 76 -37.15 32.11 32.01
N VAL B 77 -36.96 30.91 32.56
CA VAL B 77 -37.45 29.68 31.96
C VAL B 77 -38.37 28.98 32.94
N ASP B 78 -39.47 28.43 32.43
CA ASP B 78 -40.40 27.63 33.21
C ASP B 78 -40.07 26.16 33.01
N ILE B 79 -39.70 25.48 34.08
CA ILE B 79 -39.36 24.06 34.03
C ILE B 79 -40.58 23.23 34.39
N GLY B 80 -41.77 23.75 34.13
CA GLY B 80 -43.00 23.09 34.50
C GLY B 80 -43.48 23.51 35.87
N ASP B 81 -44.78 23.32 36.09
CA ASP B 81 -45.46 23.69 37.33
C ASP B 81 -45.30 25.18 37.66
N ARG B 82 -44.98 25.98 36.66
CA ARG B 82 -44.80 27.43 36.80
C ARG B 82 -43.76 27.76 37.87
N GLN B 83 -42.71 26.95 37.94
CA GLN B 83 -41.58 27.18 38.82
C GLN B 83 -40.45 27.76 37.97
N TYR B 84 -40.27 29.08 38.03
CA TYR B 84 -39.39 29.77 37.11
C TYR B 84 -37.94 29.74 37.58
N ARG B 85 -37.02 29.65 36.63
CA ARG B 85 -35.59 29.63 36.90
C ARG B 85 -34.92 30.80 36.19
N GLU B 86 -33.71 31.12 36.63
CA GLU B 86 -32.92 32.21 36.07
C GLU B 86 -31.67 31.62 35.43
N ILE B 87 -31.57 31.74 34.10
CA ILE B 87 -30.42 31.26 33.37
C ILE B 87 -29.91 32.37 32.46
N ILE B 88 -28.59 32.39 32.27
CA ILE B 88 -27.94 33.38 31.42
C ILE B 88 -27.34 32.65 30.22
N CYS B 89 -27.49 33.25 29.03
CA CYS B 89 -26.97 32.64 27.82
C CYS B 89 -26.55 33.74 26.85
N GLY B 90 -25.71 33.35 25.89
CA GLY B 90 -25.23 34.27 24.89
C GLY B 90 -25.79 34.00 23.51
N ALA B 91 -26.58 32.94 23.39
CA ALA B 91 -27.19 32.61 22.11
C ALA B 91 -28.32 33.58 21.80
N THR B 92 -28.49 33.87 20.50
CA THR B 92 -29.49 34.81 20.03
C THR B 92 -30.31 34.21 18.90
N ASN B 93 -30.72 32.96 19.04
CA ASN B 93 -31.51 32.27 18.03
C ASN B 93 -32.83 31.77 18.59
N PHE B 94 -33.36 32.45 19.61
CA PHE B 94 -34.62 32.05 20.23
C PHE B 94 -35.31 33.29 20.76
N ALA B 95 -36.64 33.29 20.67
CA ALA B 95 -37.48 34.37 21.16
C ALA B 95 -38.24 33.92 22.40
N VAL B 96 -39.09 34.81 22.92
CA VAL B 96 -39.87 34.48 24.10
C VAL B 96 -40.84 33.36 23.78
N GLY B 97 -40.88 32.35 24.65
CA GLY B 97 -41.79 31.23 24.50
C GLY B 97 -41.27 30.07 23.69
N ASP B 98 -40.12 30.23 23.03
CA ASP B 98 -39.53 29.11 22.30
C ASP B 98 -39.18 27.97 23.26
N LEU B 99 -39.32 26.75 22.77
CA LEU B 99 -39.00 25.58 23.57
C LEU B 99 -37.50 25.33 23.52
N VAL B 100 -36.90 25.13 24.69
CA VAL B 100 -35.46 24.88 24.81
C VAL B 100 -35.25 23.76 25.81
N VAL B 101 -34.01 23.27 25.87
CA VAL B 101 -33.60 22.26 26.83
C VAL B 101 -32.66 22.91 27.82
N VAL B 102 -32.98 22.79 29.11
CA VAL B 102 -32.18 23.40 30.17
C VAL B 102 -31.53 22.31 31.00
N ALA B 103 -30.43 22.68 31.66
CA ALA B 103 -29.68 21.79 32.55
C ALA B 103 -29.60 22.46 33.91
N LEU B 104 -30.46 22.03 34.83
CA LEU B 104 -30.50 22.60 36.17
C LEU B 104 -29.29 22.14 36.97
N PRO B 105 -28.97 22.83 38.07
CA PRO B 105 -27.85 22.38 38.91
C PRO B 105 -28.06 20.96 39.42
N GLY B 106 -27.00 20.18 39.40
CA GLY B 106 -27.05 18.77 39.72
C GLY B 106 -27.07 17.85 38.51
N ALA B 107 -27.43 18.38 37.34
CA ALA B 107 -27.45 17.60 36.12
C ALA B 107 -26.03 17.35 35.61
N THR B 108 -25.92 16.37 34.71
CA THR B 108 -24.64 16.01 34.10
C THR B 108 -24.85 15.85 32.60
N LEU B 109 -23.96 16.44 31.82
CA LEU B 109 -24.03 16.41 30.37
C LEU B 109 -22.83 15.68 29.78
N PRO B 110 -22.96 15.12 28.59
CA PRO B 110 -21.81 14.42 27.97
C PRO B 110 -20.72 15.40 27.60
N GLY B 111 -19.51 15.15 28.09
CA GLY B 111 -19.24 14.03 28.99
C GLY B 111 -18.40 14.47 30.16
N GLY B 112 -18.83 14.12 31.37
CA GLY B 112 -18.14 14.58 32.56
C GLY B 112 -18.31 16.06 32.83
N PHE B 113 -19.50 16.60 32.59
CA PHE B 113 -19.79 18.02 32.74
C PHE B 113 -20.97 18.16 33.70
N THR B 114 -20.68 18.43 34.97
CA THR B 114 -21.72 18.61 35.97
C THR B 114 -22.12 20.08 36.05
N ILE B 115 -23.42 20.34 35.96
CA ILE B 115 -23.93 21.70 35.99
C ILE B 115 -24.08 22.15 37.43
N SER B 116 -23.56 23.33 37.74
CA SER B 116 -23.64 23.90 39.07
C SER B 116 -24.10 25.35 38.98
N ALA B 117 -24.56 25.88 40.11
CA ALA B 117 -25.04 27.26 40.18
C ALA B 117 -23.85 28.18 40.39
N ARG B 118 -23.44 28.88 39.33
CA ARG B 118 -22.34 29.81 39.39
C ARG B 118 -22.82 31.21 39.02
N LYS B 119 -22.20 32.21 39.63
CA LYS B 119 -22.53 33.61 39.36
C LYS B 119 -21.73 34.11 38.16
N ALA B 120 -22.43 34.65 37.17
CA ALA B 120 -21.79 35.18 35.97
C ALA B 120 -22.54 36.41 35.51
N TYR B 121 -21.79 37.41 35.04
CA TYR B 121 -22.35 38.68 34.58
C TYR B 121 -23.08 39.35 35.75
N GLY B 122 -24.16 40.06 35.45
CA GLY B 122 -24.88 40.80 36.46
C GLY B 122 -26.01 40.06 37.14
N ARG B 123 -26.29 38.83 36.73
CA ARG B 123 -27.38 38.05 37.32
C ARG B 123 -26.85 36.69 37.76
N ASN B 124 -27.75 35.87 38.30
CA ASN B 124 -27.40 34.51 38.74
C ASN B 124 -27.70 33.54 37.61
N SER B 125 -26.75 32.62 37.36
CA SER B 125 -26.88 31.60 36.34
C SER B 125 -26.82 30.23 37.01
N ASP B 126 -27.96 29.79 37.53
CA ASP B 126 -28.02 28.48 38.17
C ASP B 126 -27.91 27.36 37.14
N GLY B 127 -28.38 27.60 35.91
CA GLY B 127 -28.31 26.58 34.88
C GLY B 127 -27.90 27.12 33.53
N MET B 128 -28.29 26.43 32.46
CA MET B 128 -27.95 26.83 31.10
C MET B 128 -28.93 26.19 30.14
N ILE B 129 -29.12 26.82 28.99
CA ILE B 129 -29.87 26.22 27.90
C ILE B 129 -28.89 25.54 26.95
N CYS B 130 -29.18 24.28 26.63
CA CYS B 130 -28.23 23.43 25.92
C CYS B 130 -28.42 23.52 24.41
N SER B 131 -27.34 23.23 23.68
CA SER B 131 -27.36 23.16 22.23
C SER B 131 -27.36 21.71 21.79
N ALA B 132 -27.44 21.49 20.47
CA ALA B 132 -27.43 20.13 19.94
C ALA B 132 -26.10 19.45 20.18
N ALA B 133 -25.00 20.21 20.10
CA ALA B 133 -23.68 19.62 20.31
C ALA B 133 -23.44 19.28 21.77
N GLU B 134 -23.88 20.16 22.68
CA GLU B 134 -23.65 19.94 24.10
C GLU B 134 -24.48 18.78 24.66
N LEU B 135 -25.50 18.33 23.93
CA LEU B 135 -26.33 17.21 24.35
C LEU B 135 -25.98 15.92 23.64
N ASN B 136 -24.94 15.91 22.81
CA ASN B 136 -24.60 14.77 21.95
C ASN B 136 -25.82 14.37 21.12
N LEU B 137 -26.40 15.35 20.44
CA LEU B 137 -27.57 15.15 19.61
C LEU B 137 -27.34 15.57 18.17
N GLY B 138 -26.71 16.71 17.93
CA GLY B 138 -26.39 17.17 16.60
C GLY B 138 -24.97 17.66 16.49
N ALA B 139 -24.61 18.24 15.34
CA ALA B 139 -23.27 18.74 15.11
C ALA B 139 -23.22 20.27 15.04
N ASP B 140 -24.22 20.94 15.61
CA ASP B 140 -24.33 22.39 15.55
C ASP B 140 -24.16 22.96 16.96
N HIS B 141 -23.13 23.78 17.15
CA HIS B 141 -22.90 24.48 18.40
C HIS B 141 -22.98 26.00 18.25
N SER B 142 -23.23 26.50 17.05
CA SER B 142 -23.32 27.94 16.85
C SER B 142 -24.51 28.53 17.58
N GLY B 143 -25.64 27.81 17.61
CA GLY B 143 -26.83 28.28 18.28
C GLY B 143 -27.35 27.26 19.27
N ILE B 144 -28.27 27.73 20.11
CA ILE B 144 -28.88 26.88 21.13
C ILE B 144 -30.00 26.04 20.48
N LEU B 145 -30.23 24.86 21.04
CA LEU B 145 -31.25 23.96 20.51
C LEU B 145 -32.64 24.49 20.88
N VAL B 146 -33.44 24.80 19.86
CA VAL B 146 -34.81 25.25 20.05
C VAL B 146 -35.74 24.23 19.39
N LEU B 147 -36.63 23.63 20.17
CA LEU B 147 -37.55 22.65 19.66
C LEU B 147 -38.65 23.34 18.84
N PRO B 148 -39.25 22.63 17.89
CA PRO B 148 -40.40 23.18 17.16
C PRO B 148 -41.59 23.35 18.09
N PRO B 149 -42.56 24.19 17.71
CA PRO B 149 -43.71 24.43 18.61
C PRO B 149 -44.50 23.16 18.88
N GLY B 150 -44.78 22.92 20.16
CA GLY B 150 -45.58 21.78 20.55
C GLY B 150 -44.83 20.47 20.67
N ALA B 151 -43.50 20.50 20.79
CA ALA B 151 -42.75 19.26 20.92
C ALA B 151 -43.04 18.57 22.24
N ALA B 152 -42.95 19.29 23.35
CA ALA B 152 -43.27 18.75 24.66
C ALA B 152 -43.53 19.91 25.62
N GLU B 153 -44.47 19.70 26.54
CA GLU B 153 -44.78 20.74 27.52
C GLU B 153 -43.62 20.93 28.49
N PRO B 154 -43.49 22.12 29.07
CA PRO B 154 -42.42 22.36 30.05
C PRO B 154 -42.53 21.41 31.23
N GLY B 155 -41.41 20.76 31.57
CA GLY B 155 -41.35 19.80 32.65
C GLY B 155 -41.06 18.37 32.20
N ALA B 156 -41.27 18.06 30.93
CA ALA B 156 -41.00 16.70 30.44
C ALA B 156 -39.51 16.40 30.53
N ASP B 157 -39.20 15.12 30.73
CA ASP B 157 -37.81 14.70 30.83
C ASP B 157 -37.13 14.86 29.48
N GLY B 158 -35.97 15.54 29.48
CA GLY B 158 -35.28 15.80 28.24
C GLY B 158 -34.77 14.55 27.56
N ALA B 159 -34.41 13.53 28.34
CA ALA B 159 -33.90 12.29 27.77
C ALA B 159 -34.96 11.54 26.95
N GLY B 160 -36.24 11.83 27.18
CA GLY B 160 -37.31 11.19 26.44
C GLY B 160 -37.79 12.01 25.26
N VAL B 161 -37.79 13.33 25.41
CA VAL B 161 -38.25 14.20 24.33
C VAL B 161 -37.21 14.23 23.21
N LEU B 162 -35.93 14.18 23.55
CA LEU B 162 -34.87 14.13 22.56
C LEU B 162 -34.55 12.71 22.11
N GLY B 163 -35.07 11.70 22.81
CA GLY B 163 -34.76 10.32 22.50
C GLY B 163 -33.30 9.99 22.70
N LEU B 164 -32.76 10.40 23.85
CA LEU B 164 -31.35 10.18 24.14
C LEU B 164 -31.01 8.72 24.43
N ASP B 165 -32.00 7.84 24.46
CA ASP B 165 -31.78 6.40 24.52
C ASP B 165 -31.56 5.79 23.14
N ASP B 166 -31.65 6.58 22.08
CA ASP B 166 -31.49 6.11 20.71
C ASP B 166 -30.02 6.00 20.35
N VAL B 167 -29.74 5.21 19.32
CA VAL B 167 -28.39 5.03 18.80
C VAL B 167 -28.42 5.28 17.30
N VAL B 168 -27.45 6.03 16.79
CA VAL B 168 -27.35 6.34 15.37
C VAL B 168 -26.17 5.57 14.79
N PHE B 169 -26.42 4.85 13.71
CA PHE B 169 -25.40 4.03 13.04
C PHE B 169 -24.89 4.75 11.80
N HIS B 170 -23.57 4.78 11.64
CA HIS B 170 -22.92 5.33 10.45
C HIS B 170 -22.37 4.16 9.64
N LEU B 171 -22.91 3.95 8.44
CA LEU B 171 -22.55 2.83 7.59
C LEU B 171 -21.88 3.31 6.32
N ALA B 172 -21.01 2.46 5.78
CA ALA B 172 -20.34 2.71 4.50
C ALA B 172 -20.86 1.66 3.51
N ILE B 173 -21.74 2.09 2.61
CA ILE B 173 -22.42 1.19 1.69
C ILE B 173 -21.54 0.98 0.46
N THR B 174 -21.34 -0.28 0.07
CA THR B 174 -20.58 -0.58 -1.12
C THR B 174 -21.32 -0.07 -2.37
N PRO B 175 -20.57 0.30 -3.41
CA PRO B 175 -21.20 1.00 -4.56
C PRO B 175 -22.16 0.14 -5.37
N ASP B 176 -22.26 -1.16 -5.09
CA ASP B 176 -23.21 -2.02 -5.79
C ASP B 176 -24.53 -2.15 -5.06
N ARG B 177 -24.67 -1.54 -3.90
CA ARG B 177 -25.91 -1.66 -3.13
C ARG B 177 -26.53 -0.28 -2.92
N GLY B 178 -26.74 0.47 -3.99
CA GLY B 178 -27.30 1.81 -3.83
C GLY B 178 -28.70 1.79 -3.23
N TYR B 179 -29.37 0.63 -3.30
CA TYR B 179 -30.69 0.54 -2.68
C TYR B 179 -30.61 0.59 -1.17
N CYS B 180 -29.44 0.28 -0.59
CA CYS B 180 -29.24 0.39 0.85
C CYS B 180 -28.94 1.80 1.29
N MET B 181 -28.99 2.78 0.39
CA MET B 181 -28.83 4.18 0.74
C MET B 181 -30.12 4.79 1.26
N SER B 182 -30.87 4.03 2.06
CA SER B 182 -32.17 4.45 2.55
C SER B 182 -32.59 3.54 3.69
N VAL B 183 -33.62 3.98 4.42
CA VAL B 183 -34.20 3.11 5.44
C VAL B 183 -34.93 1.96 4.78
N ARG B 184 -35.54 2.18 3.62
CA ARG B 184 -36.23 1.10 2.91
C ARG B 184 -35.30 -0.06 2.62
N GLY B 185 -34.12 0.23 2.09
CA GLY B 185 -33.19 -0.82 1.75
C GLY B 185 -32.62 -1.52 2.98
N LEU B 186 -32.14 -0.74 3.95
CA LEU B 186 -31.53 -1.33 5.13
C LEU B 186 -32.55 -2.11 5.96
N ALA B 187 -33.79 -1.63 6.04
CA ALA B 187 -34.82 -2.38 6.76
C ALA B 187 -35.14 -3.69 6.04
N ARG B 188 -35.15 -3.68 4.71
CA ARG B 188 -35.35 -4.91 3.96
C ARG B 188 -34.23 -5.90 4.23
N GLU B 189 -32.99 -5.42 4.31
CA GLU B 189 -31.86 -6.31 4.55
C GLU B 189 -31.94 -6.97 5.92
N LEU B 190 -32.41 -6.22 6.93
CA LEU B 190 -32.53 -6.79 8.28
C LEU B 190 -33.61 -7.86 8.33
N ALA B 191 -34.72 -7.65 7.61
CA ALA B 191 -35.76 -8.67 7.55
C ALA B 191 -35.24 -9.94 6.90
N CYS B 192 -34.32 -9.82 5.95
CA CYS B 192 -33.72 -11.01 5.35
C CYS B 192 -32.82 -11.73 6.34
N ALA B 193 -32.12 -10.98 7.19
CA ALA B 193 -31.17 -11.59 8.10
C ALA B 193 -31.88 -12.33 9.23
N TYR B 194 -32.95 -11.75 9.77
CA TYR B 194 -33.69 -12.36 10.87
C TYR B 194 -34.91 -13.14 10.40
N ASP B 195 -35.04 -13.36 9.09
CA ASP B 195 -36.13 -14.13 8.50
C ASP B 195 -37.49 -13.61 8.99
N LEU B 196 -37.71 -12.32 8.76
CA LEU B 196 -38.89 -11.62 9.21
C LEU B 196 -39.76 -11.22 8.02
N ASP B 197 -41.06 -11.11 8.26
CA ASP B 197 -41.96 -10.53 7.28
C ASP B 197 -41.67 -9.03 7.15
N PHE B 198 -41.67 -8.54 5.91
CA PHE B 198 -41.29 -7.17 5.62
C PHE B 198 -42.42 -6.47 4.88
N VAL B 199 -42.82 -5.30 5.38
CA VAL B 199 -43.78 -4.43 4.72
C VAL B 199 -43.00 -3.29 4.09
N ASP B 200 -43.07 -3.19 2.76
CA ASP B 200 -42.30 -2.18 2.04
C ASP B 200 -42.84 -0.79 2.37
N PRO B 201 -42.00 0.13 2.87
CA PRO B 201 -42.49 1.48 3.16
C PRO B 201 -42.88 2.27 1.92
N ALA B 202 -42.46 1.84 0.74
CA ALA B 202 -42.86 2.46 -0.51
C ALA B 202 -44.01 1.74 -1.18
N SER B 203 -44.70 0.86 -0.47
CA SER B 203 -45.80 0.09 -1.03
C SER B 203 -47.09 0.88 -0.94
N ASN B 204 -47.97 0.65 -1.94
CA ASN B 204 -49.27 1.29 -1.95
C ASN B 204 -50.20 0.75 -0.88
N SER B 205 -49.81 -0.31 -0.17
CA SER B 205 -50.65 -0.85 0.89
C SER B 205 -50.72 0.06 2.10
N ARG B 206 -49.75 0.95 2.27
CA ARG B 206 -49.80 1.91 3.37
C ARG B 206 -50.94 2.90 3.17
N VAL B 207 -50.89 3.65 2.07
CA VAL B 207 -51.96 4.60 1.72
C VAL B 207 -52.28 4.47 0.24
N PRO B 208 -53.55 4.63 -0.13
CA PRO B 208 -53.92 4.49 -1.52
C PRO B 208 -53.24 5.54 -2.38
N PRO B 209 -52.96 5.23 -3.65
CA PRO B 209 -52.33 6.22 -4.52
C PRO B 209 -53.21 7.44 -4.72
N LEU B 210 -52.57 8.61 -4.74
CA LEU B 210 -53.31 9.85 -4.97
C LEU B 210 -53.83 9.90 -6.41
N PRO B 211 -54.98 10.53 -6.63
CA PRO B 211 -55.64 10.42 -7.94
C PRO B 211 -54.90 11.17 -9.03
N ILE B 212 -55.10 10.71 -10.26
CA ILE B 212 -54.51 11.30 -11.45
C ILE B 212 -55.64 11.58 -12.43
N GLU B 213 -55.96 12.86 -12.64
CA GLU B 213 -57.01 13.26 -13.56
C GLU B 213 -56.50 14.08 -14.74
N GLY B 214 -55.19 14.29 -14.84
CA GLY B 214 -54.63 15.05 -15.92
C GLY B 214 -53.19 15.45 -15.68
N PRO B 215 -52.51 15.93 -16.72
CA PRO B 215 -51.10 16.32 -16.55
C PRO B 215 -50.96 17.56 -15.68
N ALA B 216 -49.89 17.59 -14.89
CA ALA B 216 -49.69 18.67 -13.94
C ALA B 216 -48.94 19.86 -14.51
N TRP B 217 -48.19 19.68 -15.59
CA TRP B 217 -47.45 20.78 -16.18
C TRP B 217 -46.99 20.34 -17.56
N PRO B 218 -46.95 21.24 -18.53
CA PRO B 218 -46.40 20.89 -19.84
C PRO B 218 -44.93 20.50 -19.72
N LEU B 219 -44.59 19.34 -20.29
CA LEU B 219 -43.26 18.76 -20.13
C LEU B 219 -42.86 18.04 -21.42
N THR B 220 -41.77 18.48 -22.03
CA THR B 220 -41.15 17.80 -23.15
C THR B 220 -39.77 17.31 -22.74
N VAL B 221 -39.37 16.15 -23.27
CA VAL B 221 -38.15 15.48 -22.86
C VAL B 221 -37.39 15.02 -24.09
N GLN B 222 -36.07 15.28 -24.11
CA GLN B 222 -35.22 14.71 -25.14
C GLN B 222 -34.90 13.25 -24.81
N PRO B 223 -34.90 12.36 -25.80
CA PRO B 223 -34.74 10.94 -25.49
C PRO B 223 -33.32 10.54 -25.12
N GLU B 224 -32.31 11.19 -25.69
CA GLU B 224 -30.93 10.76 -25.50
C GLU B 224 -30.31 11.26 -24.20
N THR B 225 -31.06 11.99 -23.37
CA THR B 225 -30.51 12.45 -22.10
C THR B 225 -30.37 11.32 -21.09
N GLY B 226 -31.03 10.19 -21.32
CA GLY B 226 -30.89 9.03 -20.47
C GLY B 226 -31.86 8.94 -19.30
N VAL B 227 -32.75 9.91 -19.14
CA VAL B 227 -33.70 9.87 -18.04
C VAL B 227 -34.74 8.77 -18.31
N ARG B 228 -34.99 7.94 -17.29
CA ARG B 228 -35.93 6.84 -17.42
C ARG B 228 -37.33 7.16 -16.93
N ARG B 229 -37.48 8.09 -15.98
CA ARG B 229 -38.79 8.43 -15.46
C ARG B 229 -38.75 9.83 -14.87
N PHE B 230 -39.84 10.58 -15.05
CA PHE B 230 -39.96 11.94 -14.56
C PHE B 230 -41.40 12.17 -14.13
N ALA B 231 -41.59 12.58 -12.87
CA ALA B 231 -42.91 12.74 -12.30
C ALA B 231 -43.06 14.13 -11.69
N LEU B 232 -44.28 14.67 -11.78
CA LEU B 232 -44.60 15.99 -11.26
C LEU B 232 -45.95 15.95 -10.57
N ARG B 233 -46.08 16.71 -9.49
CA ARG B 233 -47.31 16.78 -8.70
C ARG B 233 -47.30 18.04 -7.83
N PRO B 234 -48.24 18.96 -8.06
CA PRO B 234 -48.24 20.22 -7.30
C PRO B 234 -49.04 20.14 -6.00
N VAL B 235 -48.62 20.96 -5.05
CA VAL B 235 -49.31 21.13 -3.77
C VAL B 235 -49.56 22.62 -3.60
N ILE B 236 -50.82 23.02 -3.68
CA ILE B 236 -51.20 24.44 -3.76
C ILE B 236 -51.59 24.94 -2.38
N GLY B 237 -51.11 26.13 -2.03
CA GLY B 237 -51.54 26.81 -0.82
C GLY B 237 -50.91 26.30 0.46
N ILE B 238 -49.60 26.46 0.60
CA ILE B 238 -48.87 26.04 1.79
C ILE B 238 -48.67 27.24 2.69
N ASP B 239 -48.59 26.99 4.00
CA ASP B 239 -48.38 28.05 4.97
C ASP B 239 -46.88 28.25 5.17
N PRO B 240 -46.32 29.39 4.77
CA PRO B 240 -44.87 29.59 4.98
C PRO B 240 -44.49 29.70 6.43
N ALA B 241 -45.44 30.04 7.31
CA ALA B 241 -45.09 30.19 8.71
C ALA B 241 -44.95 28.84 9.40
N ALA B 242 -45.59 27.81 8.85
CA ALA B 242 -45.54 26.50 9.45
C ALA B 242 -44.15 25.89 9.31
N VAL B 243 -43.75 25.12 10.31
CA VAL B 243 -42.47 24.44 10.31
C VAL B 243 -42.69 22.94 10.46
N SER B 244 -41.59 22.17 10.49
CA SER B 244 -41.69 20.72 10.57
C SER B 244 -41.78 20.26 12.02
N PRO B 245 -42.51 19.18 12.28
CA PRO B 245 -42.63 18.68 13.66
C PRO B 245 -41.32 18.12 14.21
N TRP B 246 -41.34 17.71 15.48
CA TRP B 246 -40.10 17.32 16.14
C TRP B 246 -39.62 15.94 15.70
N TRP B 247 -40.53 14.98 15.53
CA TRP B 247 -40.13 13.65 15.10
C TRP B 247 -39.48 13.69 13.72
N LEU B 248 -39.88 14.64 12.88
CA LEU B 248 -39.29 14.74 11.55
C LEU B 248 -37.95 15.46 11.59
N GLN B 249 -37.87 16.59 12.32
CA GLN B 249 -36.62 17.31 12.42
C GLN B 249 -35.56 16.51 13.18
N ARG B 250 -35.98 15.73 14.17
CA ARG B 250 -35.03 14.92 14.93
C ARG B 250 -34.39 13.85 14.04
N ARG B 251 -35.20 13.06 13.35
CA ARG B 251 -34.66 12.05 12.45
C ARG B 251 -33.83 12.69 11.35
N LEU B 252 -34.26 13.86 10.86
CA LEU B 252 -33.51 14.54 9.82
C LEU B 252 -32.13 14.96 10.33
N LEU B 253 -32.07 15.50 11.56
CA LEU B 253 -30.80 15.91 12.12
C LEU B 253 -29.89 14.71 12.39
N LEU B 254 -30.47 13.61 12.89
CA LEU B 254 -29.66 12.43 13.19
C LEU B 254 -29.10 11.77 11.95
N CYS B 255 -29.66 12.07 10.77
CA CYS B 255 -29.14 11.57 9.51
C CYS B 255 -28.17 12.53 8.85
N GLY B 256 -27.80 13.61 9.54
CA GLY B 256 -26.85 14.57 9.01
C GLY B 256 -27.44 15.66 8.14
N ILE B 257 -28.77 15.77 8.08
CA ILE B 257 -29.44 16.76 7.25
C ILE B 257 -30.02 17.83 8.17
N ARG B 258 -29.67 19.08 7.93
CA ARG B 258 -30.21 20.19 8.70
C ARG B 258 -31.55 20.63 8.11
N ALA B 259 -32.52 20.89 8.99
CA ALA B 259 -33.85 21.27 8.56
C ALA B 259 -33.90 22.74 8.18
N THR B 260 -34.66 23.04 7.13
CA THR B 260 -34.86 24.42 6.68
C THR B 260 -36.34 24.76 6.66
N CYS B 261 -36.91 24.92 5.45
CA CYS B 261 -38.35 25.11 5.37
C CYS B 261 -39.05 23.78 5.13
N PRO B 262 -40.30 23.63 5.57
CA PRO B 262 -40.96 22.31 5.49
C PRO B 262 -41.11 21.78 4.08
N ALA B 263 -41.12 22.64 3.06
CA ALA B 263 -41.21 22.15 1.68
C ALA B 263 -39.99 21.36 1.28
N VAL B 264 -38.82 21.70 1.83
CA VAL B 264 -37.60 20.96 1.53
C VAL B 264 -37.38 19.83 2.54
N ASP B 265 -37.90 19.97 3.75
CA ASP B 265 -37.71 18.95 4.77
C ASP B 265 -38.38 17.63 4.40
N VAL B 266 -39.52 17.70 3.70
CA VAL B 266 -40.19 16.47 3.29
C VAL B 266 -39.45 15.82 2.13
N THR B 267 -38.82 16.62 1.27
CA THR B 267 -38.05 16.05 0.16
C THR B 267 -36.84 15.28 0.69
N ASN B 268 -36.23 15.75 1.77
CA ASN B 268 -35.09 15.05 2.35
C ASN B 268 -35.54 13.87 3.22
N TYR B 269 -36.69 13.97 3.90
CA TYR B 269 -37.17 12.86 4.71
C TYR B 269 -37.56 11.68 3.82
N VAL B 270 -38.31 11.95 2.74
CA VAL B 270 -38.69 10.88 1.83
C VAL B 270 -37.47 10.28 1.15
N MET B 271 -36.49 11.11 0.81
CA MET B 271 -35.27 10.60 0.19
C MET B 271 -34.55 9.64 1.12
N LEU B 272 -34.52 9.95 2.42
CA LEU B 272 -33.87 9.06 3.37
C LEU B 272 -34.70 7.80 3.63
N GLU B 273 -36.03 7.92 3.61
CA GLU B 273 -36.88 6.78 3.92
C GLU B 273 -36.91 5.78 2.76
N LEU B 274 -37.18 6.26 1.55
CA LEU B 274 -37.37 5.39 0.40
C LEU B 274 -36.18 5.31 -0.56
N GLY B 275 -35.24 6.25 -0.49
CA GLY B 275 -34.09 6.22 -1.36
C GLY B 275 -34.22 7.03 -2.63
N HIS B 276 -35.39 7.60 -2.90
CA HIS B 276 -35.62 8.35 -4.12
C HIS B 276 -35.34 9.82 -3.87
N PRO B 277 -34.31 10.41 -4.49
CA PRO B 277 -34.07 11.84 -4.29
C PRO B 277 -35.26 12.67 -4.71
N MET B 278 -35.56 13.69 -3.92
CA MET B 278 -36.75 14.51 -4.09
C MET B 278 -36.34 15.98 -4.12
N HIS B 279 -36.93 16.72 -5.07
CA HIS B 279 -36.63 18.14 -5.22
C HIS B 279 -37.93 18.93 -5.27
N ALA B 280 -37.99 20.02 -4.52
CA ALA B 280 -39.17 20.87 -4.45
C ALA B 280 -38.92 22.14 -5.27
N HIS B 281 -39.86 22.44 -6.16
CA HIS B 281 -39.80 23.64 -6.99
C HIS B 281 -40.90 24.61 -6.60
N ASP B 282 -40.70 25.88 -6.93
CA ASP B 282 -41.69 26.93 -6.69
C ASP B 282 -42.56 27.05 -7.93
N ARG B 283 -43.81 26.56 -7.84
CA ARG B 283 -44.70 26.59 -8.99
C ARG B 283 -44.96 28.01 -9.46
N ASN B 284 -44.92 28.99 -8.56
CA ASN B 284 -45.16 30.37 -8.96
C ASN B 284 -44.03 30.91 -9.83
N ARG B 285 -42.81 30.44 -9.62
CA ARG B 285 -41.66 30.92 -10.39
C ARG B 285 -41.45 30.18 -11.69
N ILE B 286 -42.17 29.07 -11.92
CA ILE B 286 -42.07 28.35 -13.17
C ILE B 286 -42.78 29.13 -14.26
N SER B 287 -42.11 29.31 -15.40
CA SER B 287 -42.64 30.08 -16.51
C SER B 287 -42.61 29.22 -17.77
N GLY B 288 -43.77 28.74 -18.18
CA GLY B 288 -43.88 28.00 -19.41
C GLY B 288 -43.65 26.51 -19.24
N THR B 289 -43.47 25.85 -20.38
CA THR B 289 -43.27 24.41 -20.42
C THR B 289 -41.86 24.04 -19.98
N LEU B 290 -41.74 22.89 -19.32
CA LEU B 290 -40.46 22.38 -18.87
C LEU B 290 -39.86 21.44 -19.90
N GLY B 291 -38.53 21.46 -20.00
CA GLY B 291 -37.85 20.64 -20.98
C GLY B 291 -36.54 20.05 -20.52
N VAL B 292 -36.31 18.78 -20.83
CA VAL B 292 -35.07 18.09 -20.50
C VAL B 292 -34.23 18.00 -21.77
N ARG B 293 -33.03 18.55 -21.73
CA ARG B 293 -32.22 18.68 -22.93
C ARG B 293 -30.75 18.80 -22.54
N PHE B 294 -29.88 18.38 -23.46
CA PHE B 294 -28.46 18.63 -23.31
C PHE B 294 -28.15 20.12 -23.40
N ALA B 295 -27.03 20.52 -22.83
CA ALA B 295 -26.62 21.91 -22.86
C ALA B 295 -25.99 22.26 -24.21
N ARG B 296 -25.86 23.57 -24.46
CA ARG B 296 -25.19 24.05 -25.65
C ARG B 296 -23.67 23.95 -25.44
N SER B 297 -22.90 24.51 -26.37
CA SER B 297 -21.45 24.41 -26.29
C SER B 297 -20.89 25.27 -25.16
N GLY B 298 -21.55 26.38 -24.84
CA GLY B 298 -21.06 27.26 -23.80
C GLY B 298 -22.15 27.83 -22.91
N GLU B 299 -23.33 27.20 -22.95
CA GLU B 299 -24.46 27.67 -22.16
C GLU B 299 -24.16 27.58 -20.67
N THR B 300 -23.88 28.71 -20.04
CA THR B 300 -23.64 28.74 -18.61
C THR B 300 -24.96 28.78 -17.85
N ALA B 301 -24.88 28.53 -16.54
CA ALA B 301 -26.06 28.50 -15.69
C ALA B 301 -25.65 28.66 -14.24
N VAL B 302 -26.42 29.44 -13.50
CA VAL B 302 -26.17 29.67 -12.08
C VAL B 302 -26.97 28.67 -11.26
N THR B 303 -26.40 28.24 -10.14
CA THR B 303 -27.08 27.34 -9.22
C THR B 303 -27.83 28.15 -8.16
N LEU B 304 -28.42 27.44 -7.19
CA LEU B 304 -29.11 28.13 -6.11
C LEU B 304 -28.14 28.86 -5.20
N ASP B 305 -26.87 28.49 -5.23
CA ASP B 305 -25.83 29.19 -4.48
C ASP B 305 -25.26 30.38 -5.25
N GLY B 306 -25.74 30.63 -6.46
CA GLY B 306 -25.34 31.79 -7.23
C GLY B 306 -24.12 31.59 -8.09
N ILE B 307 -23.51 30.42 -8.09
CA ILE B 307 -22.29 30.17 -8.85
C ILE B 307 -22.65 29.75 -10.27
N GLU B 308 -22.21 30.53 -11.25
CA GLU B 308 -22.38 30.14 -12.64
C GLU B 308 -21.34 29.09 -13.01
N ARG B 309 -21.74 28.17 -13.88
CA ARG B 309 -20.90 27.02 -14.22
C ARG B 309 -20.99 26.75 -15.71
N LYS B 310 -19.83 26.69 -16.37
CA LYS B 310 -19.78 26.39 -17.79
C LYS B 310 -20.17 24.94 -18.03
N LEU B 311 -21.27 24.72 -18.74
CA LEU B 311 -21.78 23.38 -18.98
C LEU B 311 -21.14 22.77 -20.22
N ASP B 312 -21.26 21.46 -20.33
CA ASP B 312 -20.75 20.69 -21.45
C ASP B 312 -21.91 20.15 -22.27
N THR B 313 -21.59 19.70 -23.49
CA THR B 313 -22.61 19.16 -24.38
C THR B 313 -23.20 17.85 -23.88
N ALA B 314 -22.60 17.22 -22.86
CA ALA B 314 -23.07 15.95 -22.33
C ALA B 314 -23.82 16.09 -21.02
N ASP B 315 -24.06 17.31 -20.55
CA ASP B 315 -24.76 17.55 -19.30
C ASP B 315 -26.26 17.57 -19.55
N VAL B 316 -27.01 16.88 -18.69
CA VAL B 316 -28.46 16.82 -18.78
C VAL B 316 -29.02 17.84 -17.78
N LEU B 317 -29.84 18.75 -18.27
CA LEU B 317 -30.43 19.79 -17.44
C LEU B 317 -31.88 20.00 -17.84
N ILE B 318 -32.65 20.57 -16.92
CA ILE B 318 -34.02 20.96 -17.18
C ILE B 318 -34.08 22.47 -17.33
N VAL B 319 -34.81 22.93 -18.33
CA VAL B 319 -34.88 24.35 -18.67
C VAL B 319 -36.25 24.65 -19.22
N ASP B 320 -36.80 25.80 -18.83
CA ASP B 320 -38.09 26.26 -19.31
C ASP B 320 -37.89 27.38 -20.33
N ASP B 321 -38.94 28.18 -20.55
CA ASP B 321 -38.86 29.26 -21.54
C ASP B 321 -37.95 30.39 -21.07
N ALA B 322 -37.88 30.64 -19.77
CA ALA B 322 -37.04 31.71 -19.25
C ALA B 322 -35.57 31.32 -19.33
N ALA B 323 -35.07 30.65 -18.30
CA ALA B 323 -33.67 30.22 -18.24
C ALA B 323 -33.63 28.80 -17.70
N THR B 324 -32.43 28.35 -17.33
CA THR B 324 -32.26 26.99 -16.84
C THR B 324 -32.85 26.83 -15.45
N ALA B 325 -33.37 25.63 -15.17
CA ALA B 325 -34.05 25.34 -13.92
C ALA B 325 -33.18 24.53 -12.96
N ALA B 326 -32.57 23.46 -13.45
CA ALA B 326 -31.71 22.64 -12.60
C ALA B 326 -30.77 21.84 -13.50
N ILE B 327 -29.71 21.30 -12.88
CA ILE B 327 -28.77 20.44 -13.57
C ILE B 327 -29.05 18.97 -13.23
N GLY B 328 -29.94 18.33 -13.98
CA GLY B 328 -30.29 16.92 -13.80
C GLY B 328 -30.52 16.49 -12.36
N GLY B 329 -29.68 15.57 -11.89
CA GLY B 329 -29.75 15.12 -10.51
C GLY B 329 -28.59 15.60 -9.67
N VAL B 330 -28.03 16.76 -10.03
CA VAL B 330 -26.89 17.33 -9.33
C VAL B 330 -27.38 18.35 -8.32
N MET B 331 -27.89 19.48 -8.81
CA MET B 331 -28.34 20.55 -7.93
C MET B 331 -29.25 21.49 -8.72
N GLY B 332 -30.22 22.09 -8.01
CA GLY B 332 -31.14 23.02 -8.62
C GLY B 332 -30.68 24.46 -8.54
N ALA B 333 -31.22 25.28 -9.43
CA ALA B 333 -30.88 26.69 -9.50
C ALA B 333 -31.75 27.50 -8.54
N ALA B 334 -31.52 28.81 -8.52
CA ALA B 334 -32.29 29.72 -7.68
C ALA B 334 -33.59 30.18 -8.33
N SER B 335 -33.82 29.81 -9.60
CA SER B 335 -35.03 30.24 -10.30
C SER B 335 -36.28 29.67 -9.62
N THR B 336 -36.38 28.34 -9.58
CA THR B 336 -37.54 27.66 -9.02
C THR B 336 -37.35 27.28 -7.55
N GLU B 337 -36.36 27.85 -6.89
CA GLU B 337 -36.07 27.49 -5.50
C GLU B 337 -37.24 27.88 -4.59
N VAL B 338 -37.50 27.03 -3.60
CA VAL B 338 -38.60 27.24 -2.67
C VAL B 338 -38.07 28.05 -1.49
N ARG B 339 -38.78 29.14 -1.16
CA ARG B 339 -38.37 30.01 -0.07
C ARG B 339 -39.54 30.21 0.89
N ALA B 340 -39.35 31.08 1.89
CA ALA B 340 -40.49 31.50 2.71
C ALA B 340 -41.49 32.32 1.91
N ASP B 341 -41.06 32.92 0.80
CA ASP B 341 -41.98 33.64 -0.07
C ASP B 341 -42.90 32.67 -0.82
N SER B 342 -42.45 31.45 -1.05
CA SER B 342 -43.21 30.50 -1.83
C SER B 342 -44.45 30.03 -1.06
N THR B 343 -45.45 29.58 -1.83
CA THR B 343 -46.69 29.07 -1.27
C THR B 343 -47.18 27.89 -2.09
N ASP B 344 -46.99 27.95 -3.41
CA ASP B 344 -47.35 26.87 -4.32
C ASP B 344 -46.08 26.18 -4.79
N VAL B 345 -46.04 24.86 -4.64
CA VAL B 345 -44.86 24.08 -5.00
C VAL B 345 -45.24 23.03 -6.05
N LEU B 346 -44.23 22.58 -6.77
CA LEU B 346 -44.37 21.52 -7.77
C LEU B 346 -43.25 20.50 -7.54
N LEU B 347 -43.58 19.41 -6.85
CA LEU B 347 -42.58 18.40 -6.51
C LEU B 347 -42.22 17.56 -7.73
N GLU B 348 -40.93 17.30 -7.89
CA GLU B 348 -40.42 16.49 -8.99
C GLU B 348 -39.81 15.21 -8.46
N ALA B 349 -40.03 14.11 -9.18
CA ALA B 349 -39.42 12.82 -8.89
C ALA B 349 -38.89 12.25 -10.20
N ALA B 350 -37.57 12.25 -10.36
CA ALA B 350 -36.94 11.87 -11.61
C ALA B 350 -35.83 10.86 -11.36
N ILE B 351 -35.70 9.90 -12.27
CA ILE B 351 -34.55 9.01 -12.33
C ILE B 351 -33.67 9.49 -13.48
N TRP B 352 -32.42 9.78 -13.17
CA TRP B 352 -31.45 10.24 -14.17
C TRP B 352 -30.47 9.12 -14.49
N ASP B 353 -29.84 9.24 -15.65
CA ASP B 353 -28.82 8.29 -16.06
C ASP B 353 -27.66 8.33 -15.07
N PRO B 354 -27.33 7.21 -14.41
CA PRO B 354 -26.21 7.24 -13.46
C PRO B 354 -24.89 7.71 -14.06
N ALA B 355 -24.54 7.23 -15.25
CA ALA B 355 -23.29 7.64 -15.87
C ALA B 355 -23.30 9.14 -16.17
N ALA B 356 -24.42 9.66 -16.67
CA ALA B 356 -24.51 11.09 -16.97
C ALA B 356 -24.35 11.93 -15.71
N VAL B 357 -24.99 11.52 -14.61
CA VAL B 357 -24.86 12.26 -13.36
C VAL B 357 -23.43 12.18 -12.85
N SER B 358 -22.82 10.99 -12.92
CA SER B 358 -21.47 10.81 -12.42
C SER B 358 -20.48 11.71 -13.15
N ARG B 359 -20.59 11.79 -14.49
CA ARG B 359 -19.69 12.64 -15.25
C ARG B 359 -19.86 14.10 -14.88
N THR B 360 -21.10 14.56 -14.74
CA THR B 360 -21.36 15.99 -14.53
C THR B 360 -20.99 16.42 -13.12
N GLN B 361 -21.45 15.67 -12.11
CA GLN B 361 -21.14 16.04 -10.72
C GLN B 361 -19.65 15.93 -10.42
N ARG B 362 -18.91 15.11 -11.17
CA ARG B 362 -17.48 15.00 -10.97
C ARG B 362 -16.73 16.13 -11.68
N ARG B 363 -17.19 16.52 -12.86
CA ARG B 363 -16.55 17.61 -13.60
C ARG B 363 -16.85 18.95 -12.95
N LEU B 364 -18.07 19.14 -12.47
CA LEU B 364 -18.45 20.38 -11.80
C LEU B 364 -17.96 20.44 -10.36
N HIS B 365 -17.41 19.33 -9.83
CA HIS B 365 -16.81 19.30 -8.50
C HIS B 365 -17.83 19.67 -7.41
N LEU B 366 -18.99 19.02 -7.45
CA LEU B 366 -19.98 19.18 -6.38
C LEU B 366 -20.83 17.92 -6.28
N PRO B 367 -20.59 17.08 -5.27
CA PRO B 367 -21.50 15.98 -4.98
C PRO B 367 -22.71 16.48 -4.19
N SER B 368 -23.66 15.57 -4.00
CA SER B 368 -24.86 15.90 -3.24
C SER B 368 -25.55 14.60 -2.84
N GLU B 369 -26.40 14.70 -1.83
CA GLU B 369 -27.18 13.54 -1.39
C GLU B 369 -27.97 12.94 -2.55
N ALA B 370 -28.44 13.78 -3.47
CA ALA B 370 -29.16 13.29 -4.64
C ALA B 370 -28.21 12.64 -5.65
N ALA B 371 -27.05 13.28 -5.89
CA ALA B 371 -26.13 12.77 -6.91
C ALA B 371 -25.54 11.42 -6.49
N ARG B 372 -25.19 11.27 -5.21
CA ARG B 372 -24.61 10.00 -4.75
C ARG B 372 -25.54 8.83 -5.02
N ARG B 373 -26.84 9.03 -4.84
CA ARG B 373 -27.81 7.96 -5.06
C ARG B 373 -28.08 7.73 -6.54
N TYR B 374 -28.17 8.81 -7.32
CA TYR B 374 -28.35 8.66 -8.76
C TYR B 374 -27.15 7.97 -9.40
N GLU B 375 -25.95 8.24 -8.87
CA GLU B 375 -24.75 7.56 -9.35
C GLU B 375 -24.83 6.05 -9.14
N ARG B 376 -25.57 5.62 -8.11
CA ARG B 376 -25.68 4.23 -7.73
C ARG B 376 -27.03 3.62 -8.10
N THR B 377 -27.75 4.27 -9.01
CA THR B 377 -29.05 3.84 -9.53
C THR B 377 -30.15 3.91 -8.46
N VAL B 378 -31.28 4.51 -8.83
CA VAL B 378 -32.45 4.64 -7.96
C VAL B 378 -33.58 3.83 -8.56
N ASP B 379 -34.35 3.16 -7.69
CA ASP B 379 -35.47 2.33 -8.10
C ASP B 379 -36.52 3.17 -8.81
N PRO B 380 -36.69 3.00 -10.13
CA PRO B 380 -37.65 3.84 -10.85
C PRO B 380 -39.10 3.48 -10.56
N ALA B 381 -39.37 2.31 -9.98
CA ALA B 381 -40.74 1.86 -9.80
C ALA B 381 -41.46 2.64 -8.71
N ILE B 382 -40.74 3.39 -7.88
CA ILE B 382 -41.34 4.06 -6.74
C ILE B 382 -41.37 5.58 -6.95
N SER B 383 -41.24 6.04 -8.20
CA SER B 383 -41.20 7.47 -8.47
C SER B 383 -42.47 8.16 -8.00
N VAL B 384 -43.63 7.71 -8.50
CA VAL B 384 -44.88 8.33 -8.10
C VAL B 384 -45.23 7.98 -6.67
N ALA B 385 -44.85 6.78 -6.20
CA ALA B 385 -45.13 6.39 -4.82
C ALA B 385 -44.47 7.34 -3.83
N ALA B 386 -43.17 7.58 -4.00
CA ALA B 386 -42.49 8.56 -3.16
C ALA B 386 -43.04 9.95 -3.39
N LEU B 387 -43.52 10.23 -4.61
CA LEU B 387 -44.11 11.54 -4.89
C LEU B 387 -45.42 11.72 -4.14
N ASP B 388 -46.29 10.70 -4.14
CA ASP B 388 -47.52 10.78 -3.38
C ASP B 388 -47.25 10.82 -1.88
N ARG B 389 -46.23 10.07 -1.43
CA ARG B 389 -45.83 10.13 -0.03
C ARG B 389 -45.30 11.52 0.33
N CYS B 390 -44.57 12.15 -0.60
CA CYS B 390 -44.02 13.48 -0.36
C CYS B 390 -45.08 14.58 -0.41
N ALA B 391 -46.08 14.46 -1.29
CA ALA B 391 -47.14 15.45 -1.36
C ALA B 391 -48.07 15.37 -0.16
N ARG B 392 -48.42 14.16 0.26
CA ARG B 392 -49.27 13.99 1.43
C ARG B 392 -48.59 14.46 2.70
N LEU B 393 -47.30 14.14 2.86
CA LEU B 393 -46.58 14.59 4.04
C LEU B 393 -46.42 16.10 4.07
N LEU B 394 -46.32 16.73 2.90
CA LEU B 394 -46.15 18.19 2.85
C LEU B 394 -47.45 18.91 3.19
N ALA B 395 -48.57 18.45 2.62
CA ALA B 395 -49.86 19.08 2.91
C ALA B 395 -50.26 18.85 4.37
N ASP B 396 -49.80 17.77 4.98
CA ASP B 396 -50.13 17.50 6.38
C ASP B 396 -49.43 18.47 7.31
N ILE B 397 -48.23 18.93 6.95
CA ILE B 397 -47.44 19.79 7.82
C ILE B 397 -47.68 21.26 7.53
N ALA B 398 -47.71 21.65 6.25
CA ALA B 398 -47.89 23.04 5.87
C ALA B 398 -49.35 23.45 5.71
N GLY B 399 -50.28 22.50 5.80
CA GLY B 399 -51.69 22.82 5.69
C GLY B 399 -52.10 23.25 4.30
N GLY B 400 -51.74 22.44 3.30
CA GLY B 400 -52.09 22.71 1.93
C GLY B 400 -53.16 21.77 1.40
N GLU B 401 -53.23 21.67 0.08
CA GLU B 401 -54.19 20.80 -0.58
C GLU B 401 -53.49 20.11 -1.75
N VAL B 402 -53.48 18.77 -1.73
CA VAL B 402 -52.82 18.01 -2.78
C VAL B 402 -53.62 18.12 -4.07
N SER B 403 -53.00 18.69 -5.10
CA SER B 403 -53.67 18.83 -6.38
C SER B 403 -53.85 17.46 -7.02
N PRO B 404 -55.03 17.15 -7.55
CA PRO B 404 -55.28 15.79 -8.06
C PRO B 404 -54.73 15.55 -9.45
N THR B 405 -53.79 16.40 -9.89
CA THR B 405 -53.18 16.26 -11.20
C THR B 405 -51.75 15.73 -11.06
N LEU B 406 -51.33 14.93 -12.03
CA LEU B 406 -50.01 14.30 -11.98
C LEU B 406 -49.47 14.13 -13.40
N THR B 407 -48.21 14.50 -13.59
CA THR B 407 -47.50 14.27 -14.84
C THR B 407 -46.48 13.15 -14.62
N ASP B 408 -46.43 12.20 -15.55
CA ASP B 408 -45.49 11.10 -15.47
C ASP B 408 -45.00 10.75 -16.87
N TRP B 409 -43.69 10.63 -17.02
CA TRP B 409 -43.04 10.31 -18.29
C TRP B 409 -42.23 9.04 -18.12
N ARG B 410 -42.62 7.98 -18.81
CA ARG B 410 -41.95 6.68 -18.72
C ARG B 410 -41.15 6.35 -19.98
N GLY B 411 -40.61 7.36 -20.64
CA GLY B 411 -39.83 7.18 -21.84
C GLY B 411 -40.66 7.23 -23.11
N ASP B 412 -39.95 7.17 -24.24
CA ASP B 412 -40.64 7.09 -25.52
C ASP B 412 -41.55 5.86 -25.62
N PRO B 413 -41.13 4.67 -25.19
CA PRO B 413 -42.11 3.61 -24.98
C PRO B 413 -42.54 3.56 -23.52
N PRO B 414 -43.85 3.63 -23.25
CA PRO B 414 -44.31 3.63 -21.86
C PRO B 414 -43.91 2.36 -21.12
N CYS B 415 -42.75 2.38 -20.47
CA CYS B 415 -42.26 1.22 -19.74
C CYS B 415 -43.18 0.88 -18.59
N ASP B 416 -43.73 -0.32 -18.59
CA ASP B 416 -44.55 -0.83 -17.51
C ASP B 416 -43.80 -1.73 -16.55
N ASP B 417 -42.79 -2.43 -17.04
CA ASP B 417 -41.97 -3.34 -16.23
C ASP B 417 -40.60 -2.71 -15.99
N TRP B 418 -40.22 -2.61 -14.72
CA TRP B 418 -38.92 -2.06 -14.34
C TRP B 418 -37.94 -3.12 -13.86
N SER B 419 -38.28 -4.40 -14.03
CA SER B 419 -37.38 -5.43 -13.52
C SER B 419 -36.33 -5.80 -14.56
N PRO B 420 -35.11 -6.08 -14.12
CA PRO B 420 -34.08 -6.56 -15.05
C PRO B 420 -34.50 -7.89 -15.68
N PRO B 421 -33.89 -8.27 -16.79
CA PRO B 421 -34.26 -9.53 -17.44
C PRO B 421 -34.03 -10.69 -16.51
N PRO B 422 -34.80 -11.77 -16.66
CA PRO B 422 -34.66 -12.91 -15.76
C PRO B 422 -33.33 -13.63 -15.97
N ILE B 423 -32.95 -14.40 -14.95
CA ILE B 423 -31.68 -15.11 -14.92
C ILE B 423 -31.97 -16.60 -14.73
N ARG B 424 -31.36 -17.43 -15.57
CA ARG B 424 -31.42 -18.88 -15.43
C ARG B 424 -30.18 -19.37 -14.69
N MET B 425 -30.39 -20.15 -13.64
CA MET B 425 -29.29 -20.66 -12.84
C MET B 425 -29.66 -22.01 -12.26
N GLY B 426 -28.69 -22.94 -12.26
CA GLY B 426 -28.92 -24.22 -11.62
C GLY B 426 -29.21 -24.07 -10.15
N VAL B 427 -30.01 -25.00 -9.62
CA VAL B 427 -30.47 -24.88 -8.25
C VAL B 427 -29.33 -25.08 -7.27
N ASP B 428 -28.34 -25.92 -7.60
CA ASP B 428 -27.23 -26.19 -6.72
C ASP B 428 -25.99 -25.35 -7.03
N VAL B 429 -26.13 -24.33 -7.89
CA VAL B 429 -24.98 -23.48 -8.22
C VAL B 429 -24.43 -22.78 -6.98
N PRO B 430 -25.24 -22.20 -6.09
CA PRO B 430 -24.66 -21.68 -4.83
C PRO B 430 -23.98 -22.75 -3.99
N ASP B 431 -24.49 -23.99 -4.00
CA ASP B 431 -23.87 -25.05 -3.21
C ASP B 431 -22.46 -25.35 -3.71
N ARG B 432 -22.30 -25.50 -5.02
CA ARG B 432 -20.99 -25.84 -5.58
C ARG B 432 -19.99 -24.72 -5.36
N ILE B 433 -20.43 -23.46 -5.51
CA ILE B 433 -19.53 -22.33 -5.35
C ILE B 433 -19.09 -22.18 -3.91
N ALA B 434 -20.01 -22.38 -2.97
CA ALA B 434 -19.68 -22.21 -1.55
C ALA B 434 -18.93 -23.39 -0.97
N GLY B 435 -19.01 -24.57 -1.59
CA GLY B 435 -18.50 -25.76 -0.95
C GLY B 435 -19.34 -26.22 0.22
N VAL B 436 -20.62 -25.85 0.26
CA VAL B 436 -21.53 -26.19 1.34
C VAL B 436 -22.79 -26.78 0.73
N ALA B 437 -23.29 -27.85 1.35
CA ALA B 437 -24.57 -28.44 0.96
C ALA B 437 -25.67 -27.75 1.76
N TYR B 438 -26.29 -26.73 1.17
CA TYR B 438 -27.35 -26.00 1.86
C TYR B 438 -28.61 -26.85 1.92
N PRO B 439 -29.43 -26.67 2.96
CA PRO B 439 -30.71 -27.40 3.04
C PRO B 439 -31.56 -27.17 1.81
N GLN B 440 -32.46 -28.11 1.56
CA GLN B 440 -33.33 -28.03 0.39
C GLN B 440 -34.18 -26.77 0.44
N GLY B 441 -34.18 -26.02 -0.67
CA GLY B 441 -34.98 -24.81 -0.76
C GLY B 441 -34.34 -23.57 -0.20
N THR B 442 -33.06 -23.63 0.19
CA THR B 442 -32.41 -22.45 0.74
C THR B 442 -32.24 -21.36 -0.31
N THR B 443 -31.78 -21.74 -1.51
CA THR B 443 -31.52 -20.76 -2.55
C THR B 443 -32.81 -20.04 -2.96
N ALA B 444 -33.87 -20.79 -3.23
CA ALA B 444 -35.13 -20.18 -3.66
C ALA B 444 -35.69 -19.27 -2.58
N ARG B 445 -35.57 -19.67 -1.31
CA ARG B 445 -36.09 -18.85 -0.23
C ARG B 445 -35.28 -17.56 -0.09
N ARG B 446 -33.95 -17.67 -0.13
CA ARG B 446 -33.11 -16.48 0.02
C ARG B 446 -33.32 -15.50 -1.13
N LEU B 447 -33.43 -16.02 -2.36
CA LEU B 447 -33.66 -15.15 -3.50
C LEU B 447 -35.06 -14.53 -3.48
N ALA B 448 -36.00 -15.13 -2.74
CA ALA B 448 -37.31 -14.51 -2.59
C ALA B 448 -37.27 -13.36 -1.58
N GLN B 449 -36.49 -13.50 -0.52
CA GLN B 449 -36.40 -12.46 0.50
C GLN B 449 -35.89 -11.14 -0.08
N ILE B 450 -34.97 -11.21 -1.05
CA ILE B 450 -34.42 -10.00 -1.64
C ILE B 450 -35.36 -9.37 -2.66
N GLY B 451 -36.51 -9.97 -2.91
CA GLY B 451 -37.50 -9.39 -3.80
C GLY B 451 -37.59 -9.97 -5.18
N ALA B 452 -36.92 -11.09 -5.44
CA ALA B 452 -36.94 -11.70 -6.77
C ALA B 452 -37.97 -12.82 -6.81
N VAL B 453 -38.71 -12.88 -7.91
CA VAL B 453 -39.64 -13.98 -8.16
C VAL B 453 -38.89 -15.09 -8.87
N VAL B 454 -38.99 -16.31 -8.34
CA VAL B 454 -38.29 -17.46 -8.89
C VAL B 454 -39.31 -18.50 -9.32
N THR B 455 -39.04 -19.18 -10.44
CA THR B 455 -39.88 -20.25 -10.93
C THR B 455 -39.02 -21.50 -11.10
N HIS B 456 -39.42 -22.58 -10.43
CA HIS B 456 -38.69 -23.84 -10.52
C HIS B 456 -39.09 -24.58 -11.80
N ASP B 457 -38.10 -25.17 -12.45
CA ASP B 457 -38.34 -25.99 -13.65
C ASP B 457 -37.24 -27.05 -13.70
N GLY B 458 -37.47 -28.15 -12.99
CA GLY B 458 -36.46 -29.18 -12.85
C GLY B 458 -35.35 -28.75 -11.92
N ASP B 459 -34.11 -28.75 -12.42
CA ASP B 459 -32.95 -28.32 -11.65
C ASP B 459 -32.52 -26.90 -11.99
N THR B 460 -33.34 -26.15 -12.71
CA THR B 460 -33.00 -24.80 -13.17
C THR B 460 -34.01 -23.81 -12.61
N LEU B 461 -33.49 -22.73 -12.02
CA LEU B 461 -34.32 -21.66 -11.50
C LEU B 461 -34.35 -20.51 -12.49
N THR B 462 -35.51 -19.86 -12.60
CA THR B 462 -35.68 -18.65 -13.40
C THR B 462 -35.94 -17.52 -12.41
N VAL B 463 -34.92 -16.71 -12.16
CA VAL B 463 -34.96 -15.65 -11.15
C VAL B 463 -35.11 -14.32 -11.86
N THR B 464 -36.15 -13.57 -11.51
CA THR B 464 -36.35 -12.23 -12.03
C THR B 464 -36.09 -11.24 -10.89
N PRO B 465 -34.93 -10.56 -10.88
CA PRO B 465 -34.61 -9.68 -9.76
C PRO B 465 -35.53 -8.47 -9.74
N PRO B 466 -35.75 -7.88 -8.57
CA PRO B 466 -36.64 -6.72 -8.49
C PRO B 466 -36.00 -5.48 -9.10
N SER B 467 -36.80 -4.42 -9.19
CA SER B 467 -36.37 -3.20 -9.86
C SER B 467 -35.33 -2.42 -9.07
N TRP B 468 -35.25 -2.62 -7.75
CA TRP B 468 -34.25 -1.94 -6.94
C TRP B 468 -32.92 -2.69 -6.89
N ARG B 469 -32.79 -3.79 -7.63
CA ARG B 469 -31.56 -4.59 -7.67
C ARG B 469 -31.08 -4.71 -9.12
N PRO B 470 -30.64 -3.61 -9.73
CA PRO B 470 -30.05 -3.72 -11.07
C PRO B 470 -28.69 -4.40 -11.08
N ASP B 471 -28.07 -4.60 -9.91
CA ASP B 471 -26.79 -5.29 -9.81
C ASP B 471 -26.92 -6.80 -10.02
N LEU B 472 -28.12 -7.35 -9.93
CA LEU B 472 -28.34 -8.78 -10.12
C LEU B 472 -28.55 -9.05 -11.61
N ARG B 473 -27.48 -9.44 -12.29
CA ARG B 473 -27.51 -9.65 -13.75
C ARG B 473 -27.05 -11.02 -14.19
N GLN B 474 -26.24 -11.72 -13.41
CA GLN B 474 -25.70 -13.03 -13.76
C GLN B 474 -25.95 -14.01 -12.62
N PRO B 475 -25.83 -15.32 -12.87
CA PRO B 475 -25.93 -16.28 -11.77
C PRO B 475 -24.96 -16.00 -10.62
N ALA B 476 -23.76 -15.50 -10.92
CA ALA B 476 -22.80 -15.20 -9.85
C ALA B 476 -23.36 -14.17 -8.88
N ASP B 477 -24.08 -13.17 -9.40
CA ASP B 477 -24.69 -12.17 -8.52
C ASP B 477 -25.71 -12.81 -7.59
N LEU B 478 -26.52 -13.74 -8.11
CA LEU B 478 -27.49 -14.43 -7.26
C LEU B 478 -26.78 -15.28 -6.22
N VAL B 479 -25.64 -15.88 -6.59
CA VAL B 479 -24.87 -16.68 -5.65
C VAL B 479 -24.46 -15.85 -4.43
N GLU B 480 -23.99 -14.62 -4.68
CA GLU B 480 -23.56 -13.76 -3.57
C GLU B 480 -24.71 -13.50 -2.60
N GLU B 481 -25.94 -13.38 -3.10
CA GLU B 481 -27.08 -13.12 -2.23
C GLU B 481 -27.35 -14.30 -1.31
N VAL B 482 -27.28 -15.52 -1.84
CA VAL B 482 -27.52 -16.70 -1.02
C VAL B 482 -26.44 -16.85 0.04
N LEU B 483 -25.17 -16.70 -0.37
CA LEU B 483 -24.06 -16.98 0.55
C LEU B 483 -23.99 -15.95 1.67
N ARG B 484 -24.16 -14.67 1.35
CA ARG B 484 -24.02 -13.64 2.38
C ARG B 484 -25.16 -13.70 3.39
N LEU B 485 -26.35 -14.15 2.98
CA LEU B 485 -27.45 -14.27 3.92
C LEU B 485 -27.32 -15.53 4.78
N GLU B 486 -26.82 -16.62 4.19
CA GLU B 486 -26.60 -17.83 4.96
C GLU B 486 -25.41 -17.70 5.89
N GLY B 487 -24.55 -16.71 5.67
CA GLY B 487 -23.38 -16.53 6.51
C GLY B 487 -22.17 -17.22 5.92
N LEU B 488 -21.12 -16.44 5.64
CA LEU B 488 -19.91 -17.02 5.07
C LEU B 488 -19.15 -17.88 6.05
N GLU B 489 -19.45 -17.76 7.35
CA GLU B 489 -18.76 -18.54 8.36
C GLU B 489 -19.03 -20.04 8.25
N VAL B 490 -20.13 -20.44 7.61
CA VAL B 490 -20.44 -21.86 7.43
C VAL B 490 -19.62 -22.50 6.32
N ILE B 491 -18.84 -21.73 5.58
CA ILE B 491 -18.01 -22.25 4.49
C ILE B 491 -16.78 -22.94 5.07
N PRO B 492 -16.55 -24.21 4.76
CA PRO B 492 -15.40 -24.91 5.34
C PRO B 492 -14.09 -24.43 4.74
N SER B 493 -13.00 -24.90 5.33
CA SER B 493 -11.65 -24.52 4.93
C SER B 493 -10.92 -25.79 4.48
N VAL B 494 -10.81 -25.99 3.17
CA VAL B 494 -10.07 -27.11 2.61
C VAL B 494 -8.93 -26.56 1.76
N LEU B 495 -7.75 -27.14 1.91
CA LEU B 495 -6.58 -26.73 1.15
C LEU B 495 -6.62 -27.36 -0.24
N PRO B 496 -6.60 -26.57 -1.31
CA PRO B 496 -6.60 -27.16 -2.65
C PRO B 496 -5.24 -27.74 -2.98
N PRO B 497 -5.19 -28.90 -3.66
CA PRO B 497 -3.91 -29.45 -4.10
C PRO B 497 -3.42 -28.75 -5.36
N ALA B 498 -2.33 -28.01 -5.23
CA ALA B 498 -1.83 -27.36 -6.43
C ALA B 498 -0.89 -28.30 -7.18
N PRO B 499 -0.90 -28.27 -8.51
CA PRO B 499 0.03 -29.11 -9.28
C PRO B 499 1.47 -28.74 -8.97
N ALA B 500 2.38 -29.61 -9.42
CA ALA B 500 3.80 -29.40 -9.20
C ALA B 500 4.27 -28.11 -9.85
N GLY B 501 4.53 -27.09 -9.04
CA GLY B 501 5.08 -25.85 -9.55
C GLY B 501 6.56 -25.96 -9.84
N ARG B 502 7.05 -24.97 -10.58
CA ARG B 502 8.45 -24.94 -10.98
C ARG B 502 9.30 -24.01 -10.11
N GLY B 503 8.68 -23.31 -9.18
CA GLY B 503 9.45 -22.45 -8.28
C GLY B 503 9.77 -21.10 -8.86
N LEU B 504 10.88 -20.54 -8.39
CA LEU B 504 11.30 -19.19 -8.78
C LEU B 504 12.00 -19.21 -10.13
N THR B 505 11.75 -18.19 -10.94
CA THR B 505 12.48 -18.04 -12.19
C THR B 505 13.92 -17.63 -11.91
N ALA B 506 14.76 -17.77 -12.94
CA ALA B 506 16.16 -17.36 -12.79
C ALA B 506 16.27 -15.88 -12.45
N GLY B 507 15.37 -15.05 -12.98
CA GLY B 507 15.43 -13.64 -12.67
C GLY B 507 15.01 -13.33 -11.25
N GLN B 508 13.96 -14.01 -10.77
CA GLN B 508 13.55 -13.83 -9.38
C GLN B 508 14.65 -14.29 -8.43
N GLN B 509 15.28 -15.42 -8.75
CA GLN B 509 16.37 -15.93 -7.93
C GLN B 509 17.57 -14.98 -7.94
N ARG B 510 17.86 -14.38 -9.10
CA ARG B 510 19.00 -13.46 -9.17
C ARG B 510 18.76 -12.20 -8.36
N ARG B 511 17.52 -11.69 -8.36
CA ARG B 511 17.20 -10.51 -7.58
C ARG B 511 17.47 -10.73 -6.09
N ARG B 512 17.21 -11.94 -5.61
CA ARG B 512 17.51 -12.27 -4.22
C ARG B 512 19.01 -12.31 -3.97
N THR B 513 19.76 -12.98 -4.84
CA THR B 513 21.20 -13.12 -4.67
C THR B 513 21.88 -11.76 -4.64
N ILE B 514 21.45 -10.82 -5.48
CA ILE B 514 22.03 -9.49 -5.48
C ILE B 514 21.71 -8.75 -4.19
N GLY B 515 20.48 -8.91 -3.69
CA GLY B 515 20.14 -8.30 -2.41
C GLY B 515 20.96 -8.86 -1.28
N ARG B 516 21.07 -10.19 -1.20
CA ARG B 516 21.85 -10.81 -0.14
C ARG B 516 23.31 -10.39 -0.22
N SER B 517 23.86 -10.31 -1.43
CA SER B 517 25.28 -10.01 -1.58
C SER B 517 25.59 -8.57 -1.19
N LEU B 518 24.75 -7.63 -1.60
CA LEU B 518 24.97 -6.23 -1.25
C LEU B 518 24.73 -5.97 0.23
N ALA B 519 23.69 -6.62 0.80
CA ALA B 519 23.41 -6.45 2.22
C ALA B 519 24.56 -6.98 3.07
N LEU B 520 25.11 -8.14 2.71
CA LEU B 520 26.25 -8.67 3.46
C LEU B 520 27.49 -7.80 3.33
N SER B 521 27.61 -7.03 2.25
CA SER B 521 28.76 -6.16 2.04
C SER B 521 28.58 -4.77 2.66
N GLY B 522 27.54 -4.59 3.48
CA GLY B 522 27.33 -3.34 4.19
C GLY B 522 26.27 -2.43 3.64
N TYR B 523 25.59 -2.81 2.56
CA TYR B 523 24.61 -1.94 1.93
C TYR B 523 23.23 -2.13 2.55
N VAL B 524 22.53 -1.02 2.75
CA VAL B 524 21.19 -1.01 3.33
C VAL B 524 20.20 -0.70 2.21
N GLU B 525 19.23 -1.59 2.01
CA GLU B 525 18.27 -1.42 0.94
C GLU B 525 17.27 -0.32 1.28
N ILE B 526 16.87 0.45 0.28
CA ILE B 526 15.79 1.41 0.44
C ILE B 526 14.76 1.17 -0.64
N LEU B 527 13.53 1.59 -0.35
CA LEU B 527 12.45 1.52 -1.33
C LEU B 527 12.37 2.86 -2.06
N PRO B 528 12.82 2.95 -3.30
CA PRO B 528 12.99 4.27 -3.93
C PRO B 528 11.68 4.83 -4.46
N THR B 529 11.43 6.10 -4.18
CA THR B 529 10.25 6.76 -4.73
C THR B 529 10.40 6.96 -6.23
N PRO B 530 9.34 6.75 -7.00
CA PRO B 530 9.40 7.02 -8.44
C PRO B 530 9.26 8.49 -8.82
N PHE B 531 8.81 9.35 -7.91
CA PHE B 531 8.66 10.77 -8.20
C PHE B 531 9.99 11.49 -8.03
N LEU B 532 10.53 12.02 -9.13
CA LEU B 532 11.84 12.64 -9.13
C LEU B 532 11.85 13.91 -8.29
N PRO B 533 12.98 14.23 -7.66
CA PRO B 533 13.11 15.54 -7.01
C PRO B 533 12.99 16.66 -8.03
N ALA B 534 12.48 17.80 -7.56
CA ALA B 534 12.32 18.95 -8.43
C ALA B 534 13.66 19.42 -8.98
N GLY B 535 13.73 19.52 -10.30
CA GLY B 535 14.92 20.05 -10.97
C GLY B 535 16.18 19.24 -10.77
N VAL B 536 16.06 17.93 -10.58
CA VAL B 536 17.24 17.12 -10.28
C VAL B 536 18.21 17.10 -11.46
N PHE B 537 17.70 17.00 -12.68
CA PHE B 537 18.57 16.94 -13.83
C PHE B 537 19.25 18.27 -14.13
N ASP B 538 18.64 19.39 -13.69
CA ASP B 538 19.33 20.67 -13.80
C ASP B 538 20.44 20.79 -12.76
N LEU B 539 20.20 20.25 -11.55
CA LEU B 539 21.28 20.16 -10.57
C LEU B 539 22.43 19.31 -11.12
N TRP B 540 22.11 18.24 -11.86
CA TRP B 540 23.14 17.41 -12.47
C TRP B 540 23.81 18.06 -13.66
N GLY B 541 23.23 19.15 -14.19
CA GLY B 541 23.78 19.78 -15.38
C GLY B 541 23.66 18.94 -16.63
N LEU B 542 22.64 18.10 -16.73
CA LEU B 542 22.47 17.26 -17.90
C LEU B 542 22.17 18.12 -19.12
N GLU B 543 22.57 17.62 -20.29
CA GLU B 543 22.24 18.28 -21.54
C GLU B 543 20.74 18.25 -21.77
N ALA B 544 20.27 19.15 -22.64
CA ALA B 544 18.84 19.25 -22.90
C ALA B 544 18.30 18.00 -23.58
N ASP B 545 19.12 17.31 -24.37
CA ASP B 545 18.70 16.13 -25.11
C ASP B 545 19.09 14.84 -24.42
N ASP B 546 19.48 14.89 -23.15
CA ASP B 546 19.80 13.67 -22.41
C ASP B 546 18.55 12.81 -22.29
N SER B 547 18.68 11.53 -22.65
CA SER B 547 17.52 10.64 -22.67
C SER B 547 16.84 10.55 -21.31
N ARG B 548 17.59 10.76 -20.22
CA ARG B 548 17.00 10.70 -18.89
C ARG B 548 15.99 11.82 -18.65
N ARG B 549 16.07 12.93 -19.39
CA ARG B 549 15.08 13.99 -19.24
C ARG B 549 13.73 13.62 -19.83
N MET B 550 13.65 12.57 -20.66
CA MET B 550 12.39 12.18 -21.28
C MET B 550 11.60 11.34 -20.28
N THR B 551 10.88 12.03 -19.41
CA THR B 551 10.17 11.40 -18.31
C THR B 551 8.68 11.30 -18.58
N THR B 552 8.07 10.27 -18.01
CA THR B 552 6.62 10.18 -17.91
C THR B 552 6.13 11.06 -16.77
N ARG B 553 4.99 11.70 -16.98
CA ARG B 553 4.50 12.71 -16.04
C ARG B 553 3.15 12.33 -15.48
N VAL B 554 2.97 12.55 -14.18
CA VAL B 554 1.72 12.29 -13.49
C VAL B 554 0.91 13.57 -13.44
N LEU B 555 -0.39 13.47 -13.74
CA LEU B 555 -1.22 14.67 -13.79
C LEU B 555 -1.54 15.19 -12.40
N ASN B 556 -1.69 14.32 -11.42
CA ASN B 556 -2.13 14.69 -10.08
C ASN B 556 -1.15 14.17 -9.03
N PRO B 557 0.06 14.71 -8.99
CA PRO B 557 1.02 14.28 -7.96
C PRO B 557 0.68 14.88 -6.60
N LEU B 558 1.15 14.21 -5.56
CA LEU B 558 0.94 14.72 -4.21
C LEU B 558 1.72 16.02 -3.98
N GLU B 559 2.89 16.14 -4.59
CA GLU B 559 3.67 17.36 -4.59
C GLU B 559 3.66 17.94 -5.99
N ALA B 560 3.20 19.19 -6.13
CA ALA B 560 3.01 19.78 -7.44
C ALA B 560 4.31 19.87 -8.22
N ASP B 561 5.43 20.08 -7.54
CA ASP B 561 6.71 20.26 -8.19
C ASP B 561 7.45 18.95 -8.45
N ARG B 562 6.82 17.81 -8.18
CA ARG B 562 7.43 16.49 -8.42
C ARG B 562 6.47 15.58 -9.17
N PRO B 563 6.14 15.91 -10.43
CA PRO B 563 5.25 15.05 -11.20
C PRO B 563 5.95 14.05 -12.10
N GLN B 564 7.24 14.22 -12.34
CA GLN B 564 7.97 13.35 -13.26
C GLN B 564 8.34 12.03 -12.59
N LEU B 565 8.18 10.94 -13.33
CA LEU B 565 8.54 9.61 -12.84
C LEU B 565 10.00 9.31 -13.16
N ALA B 566 10.66 8.60 -12.25
CA ALA B 566 12.11 8.43 -12.32
C ALA B 566 12.52 7.58 -13.51
N THR B 567 13.44 8.11 -14.31
CA THR B 567 14.13 7.35 -15.35
C THR B 567 15.42 6.72 -14.84
N THR B 568 15.80 7.00 -13.59
CA THR B 568 17.02 6.49 -12.99
C THR B 568 16.78 6.38 -11.49
N LEU B 569 17.44 5.42 -10.85
CA LEU B 569 17.24 5.19 -9.42
C LEU B 569 18.08 6.13 -8.56
N LEU B 570 19.12 6.75 -9.12
CA LEU B 570 20.03 7.57 -8.32
C LEU B 570 19.35 8.72 -7.58
N PRO B 571 18.45 9.51 -8.19
CA PRO B 571 17.87 10.63 -7.41
C PRO B 571 17.17 10.18 -6.14
N ALA B 572 16.42 9.08 -6.18
CA ALA B 572 15.78 8.58 -4.98
C ALA B 572 16.82 8.12 -3.95
N LEU B 573 17.84 7.40 -4.40
CA LEU B 573 18.90 6.98 -3.49
C LEU B 573 19.61 8.17 -2.87
N LEU B 574 19.98 9.15 -3.71
CA LEU B 574 20.64 10.34 -3.20
C LEU B 574 19.76 11.10 -2.23
N GLU B 575 18.44 11.06 -2.43
CA GLU B 575 17.52 11.69 -1.48
C GLU B 575 17.56 10.99 -0.13
N ALA B 576 17.58 9.66 -0.14
CA ALA B 576 17.67 8.91 1.12
C ALA B 576 19.04 9.06 1.75
N LEU B 577 20.09 9.20 0.94
CA LEU B 577 21.42 9.45 1.49
C LEU B 577 21.47 10.80 2.21
N VAL B 578 20.87 11.84 1.61
CA VAL B 578 20.84 13.14 2.27
C VAL B 578 20.00 13.07 3.55
N ARG B 579 18.93 12.29 3.54
CA ARG B 579 18.09 12.17 4.73
C ARG B 579 18.88 11.53 5.87
N ASN B 580 19.63 10.46 5.60
CA ASN B 580 20.42 9.81 6.63
C ASN B 580 21.51 10.75 7.15
N VAL B 581 22.20 11.43 6.24
CA VAL B 581 23.30 12.31 6.65
C VAL B 581 22.79 13.45 7.51
N SER B 582 21.64 14.03 7.14
CA SER B 582 21.09 15.14 7.91
C SER B 582 20.64 14.71 9.30
N ARG B 583 20.48 13.42 9.54
CA ARG B 583 20.09 12.90 10.85
C ARG B 583 21.26 12.39 11.66
N GLY B 584 22.48 12.73 11.26
CA GLY B 584 23.68 12.34 12.00
C GLY B 584 24.26 11.01 11.62
N LEU B 585 23.77 10.35 10.59
CA LEU B 585 24.28 9.07 10.11
C LEU B 585 25.03 9.35 8.81
N VAL B 586 26.33 9.62 8.93
CA VAL B 586 27.12 10.17 7.83
C VAL B 586 27.93 9.12 7.08
N ASP B 587 28.02 7.90 7.59
CA ASP B 587 28.75 6.82 6.94
C ASP B 587 27.71 5.81 6.48
N VAL B 588 27.35 5.90 5.20
CA VAL B 588 26.12 5.28 4.69
C VAL B 588 26.38 4.65 3.35
N ALA B 589 25.90 3.42 3.17
CA ALA B 589 25.88 2.73 1.89
C ALA B 589 24.47 2.20 1.67
N LEU B 590 23.83 2.65 0.58
CA LEU B 590 22.45 2.30 0.27
C LEU B 590 22.38 1.66 -1.10
N PHE B 591 21.39 0.79 -1.31
CA PHE B 591 21.14 0.22 -2.62
C PHE B 591 19.64 0.06 -2.82
N ALA B 592 19.26 -0.15 -4.08
CA ALA B 592 17.87 -0.34 -4.45
C ALA B 592 17.79 -1.23 -5.67
N ILE B 593 16.78 -2.09 -5.70
CA ILE B 593 16.48 -2.94 -6.84
C ILE B 593 15.04 -2.63 -7.23
N ALA B 594 14.86 -1.85 -8.29
CA ALA B 594 13.53 -1.40 -8.69
C ALA B 594 13.55 -1.04 -10.16
N GLN B 595 12.35 -1.00 -10.75
CA GLN B 595 12.21 -0.60 -12.14
C GLN B 595 12.24 0.91 -12.27
N VAL B 596 12.64 1.38 -13.45
CA VAL B 596 12.50 2.78 -13.81
C VAL B 596 11.41 2.89 -14.86
N VAL B 597 11.13 4.10 -15.32
CA VAL B 597 10.08 4.36 -16.30
C VAL B 597 10.71 5.20 -17.40
N GLN B 598 10.82 4.63 -18.60
CA GLN B 598 11.49 5.28 -19.73
C GLN B 598 10.58 5.26 -20.95
N PRO B 599 9.79 6.31 -21.15
CA PRO B 599 8.90 6.35 -22.31
C PRO B 599 9.70 6.61 -23.59
N THR B 600 9.13 6.16 -24.70
CA THR B 600 9.70 6.35 -26.03
C THR B 600 8.69 7.11 -26.90
N GLU B 601 9.02 7.24 -28.19
CA GLU B 601 8.07 7.79 -29.13
C GLU B 601 6.87 6.87 -29.33
N GLN B 602 7.06 5.56 -29.14
CA GLN B 602 5.98 4.60 -29.25
C GLN B 602 5.09 4.57 -28.01
N THR B 603 5.39 5.36 -26.99
CA THR B 603 4.59 5.39 -25.78
C THR B 603 3.37 6.30 -26.01
N ARG B 604 2.18 5.72 -25.92
CA ARG B 604 0.96 6.49 -26.12
C ARG B 604 -0.20 5.73 -25.47
N GLY B 605 -1.39 6.33 -25.53
CA GLY B 605 -2.57 5.71 -24.98
C GLY B 605 -3.30 4.83 -25.98
N VAL B 606 -3.92 3.78 -25.45
CA VAL B 606 -4.71 2.84 -26.25
C VAL B 606 -6.17 2.98 -25.82
N GLY B 607 -7.05 3.13 -26.81
CA GLY B 607 -8.47 3.21 -26.52
C GLY B 607 -9.02 1.90 -25.99
N LEU B 608 -10.20 2.01 -25.36
CA LEU B 608 -10.85 0.87 -24.74
C LEU B 608 -11.02 -0.27 -25.73
N ILE B 609 -10.56 -1.45 -25.33
CA ILE B 609 -10.74 -2.68 -26.09
C ILE B 609 -11.94 -3.41 -25.49
N PRO B 610 -12.87 -3.93 -26.31
CA PRO B 610 -14.04 -4.63 -25.75
C PRO B 610 -13.63 -5.73 -24.78
N VAL B 611 -14.37 -5.84 -23.68
CA VAL B 611 -14.07 -6.78 -22.61
C VAL B 611 -15.08 -7.92 -22.56
N ASP B 612 -15.92 -8.06 -23.58
CA ASP B 612 -16.83 -9.20 -23.68
C ASP B 612 -16.17 -10.40 -24.34
N ARG B 613 -14.88 -10.31 -24.64
CA ARG B 613 -14.13 -11.40 -25.25
C ARG B 613 -12.66 -11.20 -24.95
N ARG B 614 -11.88 -12.24 -25.17
CA ARG B 614 -10.44 -12.14 -25.00
C ARG B 614 -9.86 -11.19 -26.05
N PRO B 615 -8.99 -10.26 -25.67
CA PRO B 615 -8.38 -9.39 -26.67
C PRO B 615 -7.49 -10.17 -27.61
N THR B 616 -7.39 -9.70 -28.84
CA THR B 616 -6.58 -10.37 -29.86
C THR B 616 -5.10 -10.24 -29.51
N ASP B 617 -4.29 -11.02 -30.24
CA ASP B 617 -2.85 -10.99 -30.00
C ASP B 617 -2.25 -9.64 -30.37
N ASP B 618 -2.74 -9.02 -31.45
CA ASP B 618 -2.28 -7.68 -31.79
C ASP B 618 -2.74 -6.65 -30.77
N GLU B 619 -3.93 -6.84 -30.20
CA GLU B 619 -4.39 -5.94 -29.14
C GLU B 619 -3.54 -6.09 -27.89
N ILE B 620 -3.13 -7.31 -27.57
CA ILE B 620 -2.21 -7.52 -26.45
C ILE B 620 -0.87 -6.87 -26.74
N ALA B 621 -0.36 -7.03 -27.96
CA ALA B 621 0.89 -6.38 -28.33
C ALA B 621 0.76 -4.86 -28.32
N MET B 622 -0.40 -4.34 -28.76
CA MET B 622 -0.64 -2.91 -28.72
C MET B 622 -0.50 -2.36 -27.30
N LEU B 623 -1.17 -2.99 -26.35
CA LEU B 623 -1.15 -2.51 -24.98
C LEU B 623 0.25 -2.59 -24.39
N ASP B 624 0.98 -3.68 -24.64
CA ASP B 624 2.34 -3.80 -24.14
C ASP B 624 3.25 -2.74 -24.77
N ALA B 625 3.16 -2.59 -26.09
CA ALA B 625 4.03 -1.64 -26.79
C ALA B 625 3.75 -0.19 -26.42
N SER B 626 2.54 0.11 -25.95
CA SER B 626 2.16 1.49 -25.68
C SER B 626 2.67 1.98 -24.33
N LEU B 627 3.03 1.09 -23.43
CA LEU B 627 3.53 1.47 -22.13
C LEU B 627 5.00 1.89 -22.21
N PRO B 628 5.43 2.81 -21.35
CA PRO B 628 6.85 3.16 -21.31
C PRO B 628 7.69 1.95 -20.94
N ARG B 629 8.92 1.93 -21.42
CA ARG B 629 9.85 0.88 -21.02
C ARG B 629 10.07 0.96 -19.51
N GLN B 630 9.98 -0.19 -18.85
CA GLN B 630 10.10 -0.27 -17.40
C GLN B 630 11.11 -1.34 -17.01
N PRO B 631 12.39 -1.15 -17.37
CA PRO B 631 13.40 -2.16 -17.02
C PRO B 631 13.79 -2.09 -15.55
N GLN B 632 14.21 -3.25 -15.03
CA GLN B 632 14.68 -3.34 -13.66
C GLN B 632 16.13 -2.86 -13.56
N HIS B 633 16.38 -1.91 -12.67
CA HIS B 633 17.71 -1.41 -12.40
C HIS B 633 18.14 -1.78 -10.98
N VAL B 634 19.45 -1.87 -10.80
CA VAL B 634 20.07 -1.98 -9.49
C VAL B 634 21.02 -0.79 -9.34
N ALA B 635 20.98 -0.15 -8.18
CA ALA B 635 21.77 1.06 -8.00
C ALA B 635 22.20 1.15 -6.54
N ALA B 636 23.23 1.97 -6.30
CA ALA B 636 23.77 2.12 -4.96
C ALA B 636 24.52 3.44 -4.85
N VAL B 637 24.58 3.96 -3.62
CA VAL B 637 25.32 5.19 -3.33
C VAL B 637 26.09 4.99 -2.03
N LEU B 638 27.21 5.71 -1.91
CA LEU B 638 28.09 5.60 -0.75
C LEU B 638 28.63 6.97 -0.38
N ALA B 639 28.71 7.24 0.91
CA ALA B 639 29.30 8.47 1.40
C ALA B 639 29.94 8.23 2.76
N GLY B 640 30.93 9.05 3.08
CA GLY B 640 31.58 8.97 4.38
C GLY B 640 32.62 7.87 4.46
N LEU B 641 32.64 7.16 5.59
CA LEU B 641 33.59 6.08 5.80
C LEU B 641 33.01 4.79 5.25
N ARG B 642 33.77 4.15 4.34
CA ARG B 642 33.41 2.81 3.90
C ARG B 642 33.70 1.78 4.98
N GLU B 643 34.89 1.86 5.57
CA GLU B 643 35.25 1.06 6.73
C GLU B 643 35.32 1.96 7.95
N PRO B 644 34.60 1.63 9.02
CA PRO B 644 34.59 2.51 10.19
C PRO B 644 35.92 2.47 10.92
N ARG B 645 36.06 3.39 11.87
CA ARG B 645 37.25 3.40 12.71
C ARG B 645 36.99 2.56 13.97
N GLY B 646 38.06 1.98 14.49
CA GLY B 646 38.00 1.18 15.68
C GLY B 646 39.39 0.95 16.22
N PRO B 647 39.54 -0.06 17.10
CA PRO B 647 40.87 -0.38 17.63
C PRO B 647 41.86 -0.82 16.57
N TRP B 648 41.42 -1.06 15.33
CA TRP B 648 42.29 -1.47 14.25
C TRP B 648 42.92 -0.30 13.49
N GLY B 649 42.29 0.87 13.52
CA GLY B 649 42.79 2.01 12.78
C GLY B 649 41.72 3.06 12.53
N PRO B 650 42.08 4.10 11.78
CA PRO B 650 41.18 5.24 11.60
C PRO B 650 40.08 5.02 10.56
N GLY B 651 39.91 3.81 10.06
CA GLY B 651 38.94 3.55 9.04
C GLY B 651 39.40 4.00 7.67
N ARG B 652 38.52 3.83 6.69
CA ARG B 652 38.89 4.19 5.32
C ARG B 652 37.74 4.91 4.64
N PRO B 653 37.97 6.09 4.09
CA PRO B 653 36.89 6.84 3.45
C PRO B 653 36.44 6.17 2.16
N VAL B 654 35.19 6.46 1.78
CA VAL B 654 34.64 5.96 0.53
C VAL B 654 35.44 6.50 -0.65
N GLU B 655 35.76 5.63 -1.59
N GLU B 655 35.76 5.61 -1.58
CA GLU B 655 36.44 6.05 -2.81
CA GLU B 655 36.50 5.92 -2.80
C GLU B 655 35.76 5.37 -4.00
C GLU B 655 35.74 5.38 -4.00
N ALA B 656 36.12 5.85 -5.20
CA ALA B 656 35.47 5.36 -6.41
C ALA B 656 35.65 3.86 -6.60
N ALA B 657 36.77 3.30 -6.11
CA ALA B 657 37.00 1.87 -6.21
C ALA B 657 35.97 1.07 -5.42
N ASP B 658 35.34 1.67 -4.41
CA ASP B 658 34.28 0.97 -3.69
C ASP B 658 33.04 0.81 -4.56
N ALA B 659 32.75 1.79 -5.42
CA ALA B 659 31.66 1.63 -6.38
C ALA B 659 32.02 0.60 -7.44
N PHE B 660 33.28 0.58 -7.88
CA PHE B 660 33.73 -0.45 -8.81
C PHE B 660 33.56 -1.84 -8.21
N GLU B 661 33.83 -1.97 -6.91
CA GLU B 661 33.66 -3.27 -6.26
C GLU B 661 32.20 -3.66 -6.14
N ALA B 662 31.32 -2.67 -5.92
CA ALA B 662 29.88 -2.96 -5.89
C ALA B 662 29.42 -3.51 -7.23
N VAL B 663 29.97 -3.00 -8.33
CA VAL B 663 29.73 -3.58 -9.65
C VAL B 663 30.13 -5.05 -9.65
N ARG B 664 31.33 -5.34 -9.15
CA ARG B 664 31.81 -6.71 -9.18
C ARG B 664 31.04 -7.61 -8.22
N ILE B 665 30.54 -7.06 -7.12
CA ILE B 665 29.65 -7.83 -6.25
C ILE B 665 28.39 -8.21 -7.00
N ILE B 666 27.82 -7.27 -7.77
CA ILE B 666 26.62 -7.56 -8.55
C ILE B 666 26.95 -8.55 -9.67
N ALA B 667 28.11 -8.36 -10.33
CA ALA B 667 28.50 -9.28 -11.39
C ALA B 667 28.66 -10.69 -10.86
N ARG B 668 29.33 -10.86 -9.71
CA ARG B 668 29.50 -12.19 -9.13
C ARG B 668 28.16 -12.79 -8.73
N ALA B 669 27.25 -11.97 -8.19
CA ALA B 669 25.92 -12.46 -7.86
C ALA B 669 25.16 -12.88 -9.11
N SER B 670 25.45 -12.25 -10.25
CA SER B 670 24.80 -12.57 -11.51
C SER B 670 25.56 -13.63 -12.30
N ARG B 671 26.72 -14.08 -11.81
CA ARG B 671 27.53 -15.09 -12.49
C ARG B 671 27.88 -14.67 -13.92
N VAL B 672 28.24 -13.40 -14.10
CA VAL B 672 28.71 -12.90 -15.39
C VAL B 672 30.05 -12.22 -15.21
N ASP B 673 30.85 -12.24 -16.27
CA ASP B 673 32.08 -11.47 -16.31
C ASP B 673 31.78 -10.03 -16.72
N VAL B 674 32.65 -9.12 -16.31
CA VAL B 674 32.39 -7.69 -16.44
C VAL B 674 33.70 -6.97 -16.69
N THR B 675 33.67 -6.00 -17.60
CA THR B 675 34.81 -5.13 -17.85
C THR B 675 34.41 -3.70 -17.59
N LEU B 676 35.33 -2.92 -17.04
CA LEU B 676 35.12 -1.50 -16.76
C LEU B 676 36.01 -0.69 -17.67
N ARG B 677 35.41 0.25 -18.40
CA ARG B 677 36.15 1.08 -19.32
C ARG B 677 35.95 2.56 -18.96
N PRO B 678 36.97 3.40 -19.13
CA PRO B 678 36.81 4.82 -18.85
C PRO B 678 35.68 5.44 -19.66
N ALA B 679 34.98 6.39 -19.06
CA ALA B 679 33.86 7.05 -19.70
C ALA B 679 33.63 8.39 -19.05
N GLN B 680 32.92 9.27 -19.77
CA GLN B 680 32.48 10.55 -19.25
C GLN B 680 30.96 10.59 -19.36
N TYR B 681 30.29 10.58 -18.21
CA TYR B 681 28.83 10.44 -18.18
C TYR B 681 28.34 11.04 -16.87
N LEU B 682 27.73 12.22 -16.95
CA LEU B 682 27.16 12.86 -15.77
C LEU B 682 26.10 11.96 -15.15
N PRO B 683 25.90 12.04 -13.82
CA PRO B 683 26.52 12.96 -12.88
C PRO B 683 27.85 12.47 -12.29
N TRP B 684 28.57 11.61 -13.00
CA TRP B 684 29.81 11.07 -12.50
C TRP B 684 30.99 11.98 -12.82
N HIS B 685 32.00 11.91 -11.96
CA HIS B 685 33.28 12.57 -12.16
C HIS B 685 33.92 12.07 -13.45
N PRO B 686 34.23 12.94 -14.41
CA PRO B 686 34.72 12.46 -15.72
C PRO B 686 36.04 11.71 -15.66
N GLY B 687 36.82 11.87 -14.59
CA GLY B 687 38.05 11.14 -14.43
C GLY B 687 37.97 9.95 -13.49
N ARG B 688 36.81 9.73 -12.87
CA ARG B 688 36.61 8.66 -11.91
C ARG B 688 35.31 7.92 -12.21
N CYS B 689 35.06 7.67 -13.49
CA CYS B 689 33.82 7.07 -13.96
C CYS B 689 34.15 5.93 -14.91
N ALA B 690 33.60 4.76 -14.61
CA ALA B 690 33.71 3.60 -15.48
C ALA B 690 32.34 3.30 -16.08
N GLN B 691 32.34 2.90 -17.35
CA GLN B 691 31.17 2.30 -17.97
C GLN B 691 31.33 0.79 -17.91
N VAL B 692 30.27 0.10 -17.50
CA VAL B 692 30.32 -1.32 -17.23
C VAL B 692 29.78 -2.08 -18.45
N PHE B 693 30.59 -3.01 -18.95
CA PHE B 693 30.22 -3.82 -20.11
C PHE B 693 30.16 -5.29 -19.71
N VAL B 694 29.18 -5.99 -20.29
CA VAL B 694 29.11 -7.45 -20.24
C VAL B 694 29.24 -7.92 -21.69
N GLY B 695 30.41 -8.42 -22.04
CA GLY B 695 30.72 -8.61 -23.44
C GLY B 695 30.95 -7.26 -24.09
N GLU B 696 30.20 -6.95 -25.13
CA GLU B 696 30.25 -5.63 -25.77
C GLU B 696 29.00 -4.81 -25.52
N SER B 697 28.21 -5.18 -24.51
CA SER B 697 26.94 -4.52 -24.21
C SER B 697 27.10 -3.70 -22.94
N SER B 698 26.92 -2.38 -23.06
CA SER B 698 26.93 -1.51 -21.90
C SER B 698 25.76 -1.87 -20.98
N VAL B 699 25.99 -1.83 -19.67
CA VAL B 699 24.96 -2.19 -18.72
C VAL B 699 24.85 -1.16 -17.59
N GLY B 700 25.76 -0.20 -17.54
CA GLY B 700 25.63 0.85 -16.55
C GLY B 700 26.94 1.60 -16.34
N HIS B 701 26.98 2.31 -15.21
CA HIS B 701 28.13 3.16 -14.86
C HIS B 701 28.35 3.10 -13.35
N ALA B 702 29.56 3.50 -12.96
CA ALA B 702 29.95 3.50 -11.55
C ALA B 702 31.12 4.45 -11.36
N GLY B 703 31.32 4.84 -10.11
CA GLY B 703 32.46 5.66 -9.75
C GLY B 703 32.03 6.77 -8.80
N GLN B 704 32.85 7.80 -8.73
CA GLN B 704 32.59 8.94 -7.87
C GLN B 704 31.78 9.99 -8.62
N LEU B 705 30.85 10.63 -7.91
CA LEU B 705 30.02 11.65 -8.52
C LEU B 705 30.83 12.93 -8.77
N HIS B 706 30.33 13.73 -9.71
CA HIS B 706 31.00 14.95 -10.12
C HIS B 706 31.02 15.94 -8.96
N PRO B 707 32.15 16.61 -8.72
CA PRO B 707 32.20 17.59 -7.62
C PRO B 707 31.22 18.74 -7.79
N ALA B 708 30.97 19.19 -9.02
CA ALA B 708 29.97 20.23 -9.24
C ALA B 708 28.57 19.74 -8.93
N VAL B 709 28.26 18.49 -9.30
CA VAL B 709 26.98 17.90 -8.95
C VAL B 709 26.83 17.80 -7.43
N ILE B 710 27.91 17.40 -6.75
CA ILE B 710 27.86 17.20 -5.30
C ILE B 710 27.55 18.52 -4.59
N GLU B 711 28.19 19.61 -5.01
CA GLU B 711 27.98 20.89 -4.35
C GLU B 711 26.59 21.45 -4.63
N ARG B 712 26.16 21.41 -5.90
CA ARG B 712 24.84 21.94 -6.24
C ARG B 712 23.72 21.14 -5.58
N SER B 713 23.94 19.85 -5.31
CA SER B 713 22.91 18.98 -4.75
C SER B 713 22.98 18.88 -3.24
N GLY B 714 23.94 19.52 -2.59
CA GLY B 714 24.07 19.39 -1.15
C GLY B 714 24.43 18.00 -0.67
N LEU B 715 25.21 17.27 -1.47
CA LEU B 715 25.62 15.91 -1.16
C LEU B 715 26.92 15.91 -0.37
N PRO B 716 27.21 14.83 0.35
CA PRO B 716 28.53 14.71 1.00
C PRO B 716 29.64 14.71 -0.04
N LYS B 717 30.77 15.31 0.34
CA LYS B 717 31.92 15.31 -0.55
C LYS B 717 32.39 13.88 -0.78
N GLY B 718 32.78 13.57 -2.02
CA GLY B 718 33.28 12.26 -2.35
C GLY B 718 32.24 11.18 -2.52
N THR B 719 30.95 11.54 -2.57
CA THR B 719 29.89 10.55 -2.76
C THR B 719 30.12 9.76 -4.05
N CYS B 720 29.95 8.45 -3.96
CA CYS B 720 30.10 7.57 -5.10
C CYS B 720 28.77 6.88 -5.41
N ALA B 721 28.65 6.37 -6.61
CA ALA B 721 27.39 5.79 -7.05
C ALA B 721 27.63 4.75 -8.14
N VAL B 722 26.65 3.86 -8.26
CA VAL B 722 26.65 2.83 -9.29
C VAL B 722 25.19 2.60 -9.69
N GLU B 723 24.95 2.50 -11.00
CA GLU B 723 23.63 2.10 -11.49
C GLU B 723 23.80 1.18 -12.69
N LEU B 724 23.14 0.03 -12.62
CA LEU B 724 23.18 -0.96 -13.68
C LEU B 724 21.77 -1.32 -14.12
N ASN B 725 21.62 -1.65 -15.39
CA ASN B 725 20.35 -2.14 -15.92
C ASN B 725 20.37 -3.66 -15.84
N LEU B 726 19.63 -4.21 -14.89
CA LEU B 726 19.61 -5.66 -14.69
C LEU B 726 19.12 -6.39 -15.94
N ASP B 727 18.14 -5.82 -16.63
CA ASP B 727 17.59 -6.48 -17.81
C ASP B 727 18.58 -6.53 -18.97
N ALA B 728 19.60 -5.68 -18.95
CA ALA B 728 20.67 -5.75 -19.94
C ALA B 728 21.73 -6.78 -19.60
N ILE B 729 21.75 -7.30 -18.37
CA ILE B 729 22.69 -8.34 -17.97
C ILE B 729 22.09 -9.68 -18.36
N PRO B 730 22.73 -10.45 -19.24
CA PRO B 730 22.15 -11.73 -19.66
C PRO B 730 22.23 -12.75 -18.54
N CYS B 731 21.26 -13.67 -18.53
CA CYS B 731 21.24 -14.75 -17.56
C CYS B 731 22.25 -15.82 -17.96
N SER B 732 22.93 -16.39 -16.96
CA SER B 732 23.97 -17.38 -17.19
C SER B 732 23.71 -18.60 -16.31
N ALA B 733 23.83 -19.77 -16.91
CA ALA B 733 23.72 -21.05 -16.19
C ALA B 733 24.97 -21.86 -16.51
N PRO B 734 26.10 -21.52 -15.90
CA PRO B 734 27.35 -22.23 -16.21
C PRO B 734 27.44 -23.58 -15.49
N LEU B 735 28.23 -24.47 -16.09
CA LEU B 735 28.50 -25.80 -15.53
C LEU B 735 30.01 -25.97 -15.48
N PRO B 736 30.66 -25.40 -14.45
CA PRO B 736 32.13 -25.44 -14.40
C PRO B 736 32.67 -26.86 -14.27
N ALA B 737 33.88 -27.04 -14.80
CA ALA B 737 34.65 -28.28 -14.62
C ALA B 737 36.10 -27.88 -14.45
N PRO B 738 36.46 -27.34 -13.29
CA PRO B 738 37.78 -26.72 -13.13
C PRO B 738 38.91 -27.73 -13.21
N ARG B 739 40.00 -27.30 -13.85
CA ARG B 739 41.24 -28.07 -13.88
C ARG B 739 41.99 -27.84 -12.56
N VAL B 740 42.20 -28.90 -11.81
CA VAL B 740 42.87 -28.82 -10.50
C VAL B 740 44.12 -29.67 -10.60
N SER B 741 45.24 -29.06 -10.97
CA SER B 741 46.50 -29.78 -11.00
C SER B 741 47.09 -29.88 -9.60
N PRO B 742 47.55 -31.06 -9.18
CA PRO B 742 48.20 -31.20 -7.87
C PRO B 742 49.70 -30.96 -7.88
N TYR B 743 50.29 -30.70 -9.04
CA TYR B 743 51.73 -30.54 -9.16
C TYR B 743 52.16 -29.17 -8.64
N PRO B 744 53.42 -29.05 -8.20
CA PRO B 744 53.86 -27.80 -7.57
C PRO B 744 53.80 -26.62 -8.53
N ALA B 745 53.64 -25.43 -7.96
CA ALA B 745 53.57 -24.19 -8.71
C ALA B 745 54.91 -23.44 -8.63
N VAL B 746 55.17 -22.65 -9.66
CA VAL B 746 56.35 -21.78 -9.72
C VAL B 746 55.89 -20.34 -9.59
N PHE B 747 56.49 -19.61 -8.65
CA PHE B 747 56.12 -18.22 -8.37
C PHE B 747 57.17 -17.29 -8.94
N GLN B 748 56.73 -16.34 -9.77
CA GLN B 748 57.62 -15.34 -10.34
C GLN B 748 56.88 -14.01 -10.42
N ASP B 749 57.63 -12.92 -10.28
CA ASP B 749 57.10 -11.56 -10.40
C ASP B 749 57.72 -10.88 -11.60
N VAL B 750 56.92 -10.06 -12.28
CA VAL B 750 57.37 -9.30 -13.44
C VAL B 750 57.00 -7.84 -13.24
N SER B 751 57.95 -6.94 -13.48
CA SER B 751 57.76 -5.51 -13.31
C SER B 751 57.81 -4.84 -14.67
N LEU B 752 56.71 -4.22 -15.07
CA LEU B 752 56.55 -3.69 -16.43
C LEU B 752 56.31 -2.18 -16.38
N VAL B 753 57.02 -1.45 -17.23
CA VAL B 753 56.87 0.00 -17.34
C VAL B 753 56.04 0.31 -18.58
N VAL B 754 54.98 1.11 -18.40
CA VAL B 754 54.10 1.53 -19.48
C VAL B 754 53.81 3.01 -19.32
N ALA B 755 53.19 3.59 -20.34
CA ALA B 755 52.72 4.96 -20.24
C ALA B 755 51.64 5.06 -19.16
N ALA B 756 51.57 6.23 -18.53
CA ALA B 756 50.75 6.40 -17.33
C ALA B 756 49.26 6.25 -17.60
N ASP B 757 48.81 6.39 -18.84
CA ASP B 757 47.40 6.28 -19.17
C ASP B 757 47.05 4.94 -19.81
N ILE B 758 47.95 3.98 -19.77
CA ILE B 758 47.66 2.61 -20.23
C ILE B 758 46.96 1.90 -19.09
N PRO B 759 45.70 1.47 -19.25
CA PRO B 759 44.99 0.84 -18.13
C PRO B 759 45.67 -0.46 -17.70
N ALA B 760 45.76 -0.65 -16.39
CA ALA B 760 46.41 -1.83 -15.85
C ALA B 760 45.77 -3.12 -16.34
N GLN B 761 44.46 -3.10 -16.57
CA GLN B 761 43.78 -4.29 -17.07
C GLN B 761 44.26 -4.67 -18.46
N ALA B 762 44.58 -3.69 -19.31
CA ALA B 762 45.09 -4.00 -20.63
C ALA B 762 46.47 -4.64 -20.56
N VAL B 763 47.30 -4.21 -19.61
CA VAL B 763 48.62 -4.81 -19.44
C VAL B 763 48.48 -6.25 -18.94
N ALA B 764 47.58 -6.47 -17.97
CA ALA B 764 47.38 -7.82 -17.46
C ALA B 764 46.86 -8.76 -18.54
N ASP B 765 45.92 -8.30 -19.37
CA ASP B 765 45.41 -9.14 -20.44
C ASP B 765 46.51 -9.49 -21.44
N ALA B 766 47.41 -8.54 -21.72
CA ALA B 766 48.51 -8.84 -22.63
C ALA B 766 49.46 -9.85 -22.00
N VAL B 767 49.77 -9.69 -20.71
CA VAL B 767 50.61 -10.67 -20.02
C VAL B 767 49.96 -12.05 -20.07
N ARG B 768 48.66 -12.11 -19.79
CA ARG B 768 47.97 -13.40 -19.78
C ARG B 768 47.98 -14.05 -21.16
N ALA B 769 47.80 -13.25 -22.20
CA ALA B 769 47.73 -13.80 -23.55
C ALA B 769 49.04 -14.41 -24.00
N GLY B 770 50.16 -13.93 -23.48
CA GLY B 770 51.44 -14.46 -23.89
C GLY B 770 51.93 -15.60 -23.01
N ALA B 771 51.50 -15.62 -21.75
CA ALA B 771 51.97 -16.63 -20.82
C ALA B 771 51.46 -18.03 -21.18
N GLY B 772 50.31 -18.11 -21.83
CA GLY B 772 49.78 -19.41 -22.21
C GLY B 772 49.08 -20.13 -21.07
N ASP B 773 48.91 -21.44 -21.25
CA ASP B 773 48.10 -22.22 -20.31
C ASP B 773 48.81 -22.46 -18.99
N LEU B 774 50.14 -22.36 -18.94
CA LEU B 774 50.87 -22.59 -17.71
C LEU B 774 50.55 -21.54 -16.65
N LEU B 775 50.05 -20.38 -17.03
CA LEU B 775 49.73 -19.33 -16.08
C LEU B 775 48.42 -19.66 -15.39
N GLU B 776 48.49 -19.84 -14.07
CA GLU B 776 47.33 -20.16 -13.25
C GLU B 776 46.70 -18.93 -12.59
N ASP B 777 47.52 -18.00 -12.13
CA ASP B 777 47.02 -16.80 -11.46
C ASP B 777 47.94 -15.64 -11.77
N ILE B 778 47.35 -14.45 -11.93
CA ILE B 778 48.09 -13.21 -12.11
C ILE B 778 47.44 -12.14 -11.24
N ALA B 779 48.25 -11.38 -10.52
CA ALA B 779 47.73 -10.41 -9.57
C ALA B 779 48.63 -9.19 -9.55
N LEU B 780 48.04 -8.01 -9.75
CA LEU B 780 48.75 -6.76 -9.66
C LEU B 780 48.85 -6.32 -8.20
N PHE B 781 50.08 -6.07 -7.73
CA PHE B 781 50.25 -5.67 -6.33
C PHE B 781 51.09 -4.42 -6.15
N ASP B 782 51.49 -3.73 -7.23
CA ASP B 782 52.26 -2.51 -7.07
C ASP B 782 52.12 -1.65 -8.32
N VAL B 783 51.72 -0.38 -8.12
CA VAL B 783 51.68 0.64 -9.16
C VAL B 783 52.56 1.79 -8.68
N PHE B 784 53.63 2.07 -9.41
CA PHE B 784 54.65 2.98 -8.93
C PHE B 784 55.00 4.03 -9.99
N THR B 785 55.09 5.28 -9.55
CA THR B 785 55.57 6.38 -10.36
C THR B 785 56.69 7.07 -9.60
N GLY B 786 57.57 7.74 -10.34
CA GLY B 786 58.66 8.45 -9.72
C GLY B 786 59.82 8.72 -10.66
N PRO B 787 60.84 9.43 -10.15
CA PRO B 787 62.00 9.75 -11.00
C PRO B 787 62.75 8.52 -11.47
N GLN B 788 62.72 7.43 -10.69
CA GLN B 788 63.37 6.20 -11.13
C GLN B 788 62.73 5.64 -12.39
N ILE B 789 61.44 5.91 -12.60
CA ILE B 789 60.70 5.38 -13.74
C ILE B 789 60.79 6.32 -14.93
N GLY B 790 60.53 7.60 -14.72
CA GLY B 790 60.52 8.57 -15.80
C GLY B 790 59.20 9.31 -15.89
N GLU B 791 59.20 10.46 -16.57
CA GLU B 791 57.98 11.23 -16.70
C GLU B 791 56.96 10.51 -17.57
N HIS B 792 55.68 10.72 -17.25
CA HIS B 792 54.54 10.19 -17.99
C HIS B 792 54.52 8.67 -18.02
N ARG B 793 55.29 8.00 -17.17
CA ARG B 793 55.34 6.56 -17.12
C ARG B 793 54.84 6.07 -15.77
N LYS B 794 54.58 4.77 -15.71
CA LYS B 794 54.28 4.10 -14.46
C LYS B 794 54.81 2.68 -14.54
N SER B 795 55.07 2.09 -13.38
CA SER B 795 55.59 0.74 -13.28
C SER B 795 54.56 -0.14 -12.59
N LEU B 796 54.20 -1.25 -13.23
CA LEU B 796 53.28 -2.22 -12.67
C LEU B 796 54.02 -3.52 -12.40
N THR B 797 53.80 -4.10 -11.23
CA THR B 797 54.43 -5.37 -10.86
C THR B 797 53.34 -6.39 -10.57
N PHE B 798 53.36 -7.49 -11.30
CA PHE B 798 52.38 -8.56 -11.18
C PHE B 798 53.03 -9.77 -10.51
N ALA B 799 52.27 -10.44 -9.65
CA ALA B 799 52.66 -11.74 -9.12
C ALA B 799 52.10 -12.81 -10.05
N LEU B 800 52.97 -13.67 -10.56
CA LEU B 800 52.59 -14.73 -11.48
C LEU B 800 52.77 -16.08 -10.80
N ARG B 801 51.78 -16.95 -10.95
CA ARG B 801 51.85 -18.33 -10.44
C ARG B 801 51.67 -19.26 -11.63
N PHE B 802 52.72 -19.99 -11.97
CA PHE B 802 52.69 -20.97 -13.05
C PHE B 802 52.50 -22.37 -12.48
N ARG B 803 51.84 -23.23 -13.26
CA ARG B 803 51.64 -24.61 -12.84
C ARG B 803 51.35 -25.48 -14.06
N ALA B 804 51.97 -26.66 -14.10
CA ALA B 804 51.74 -27.59 -15.18
C ALA B 804 50.67 -28.60 -14.81
N PRO B 805 49.94 -29.12 -15.80
CA PRO B 805 48.87 -30.08 -15.50
C PRO B 805 49.34 -31.52 -15.30
N ASP B 806 50.57 -31.85 -15.66
CA ASP B 806 50.99 -33.25 -15.64
C ASP B 806 52.40 -33.46 -15.11
N ARG B 807 53.05 -32.43 -14.56
CA ARG B 807 54.46 -32.53 -14.21
C ARG B 807 54.82 -31.38 -13.28
N THR B 808 55.94 -31.53 -12.59
CA THR B 808 56.50 -30.45 -11.78
C THR B 808 57.21 -29.48 -12.72
N LEU B 809 56.69 -28.26 -12.81
CA LEU B 809 57.24 -27.26 -13.72
C LEU B 809 58.61 -26.82 -13.22
N THR B 810 59.57 -26.74 -14.14
CA THR B 810 60.91 -26.28 -13.82
C THR B 810 61.00 -24.76 -13.92
N GLU B 811 62.04 -24.19 -13.31
CA GLU B 811 62.23 -22.74 -13.35
C GLU B 811 62.42 -22.26 -14.79
N ASP B 812 63.11 -23.05 -15.61
CA ASP B 812 63.32 -22.65 -17.00
C ASP B 812 62.01 -22.66 -17.78
N ASP B 813 61.18 -23.68 -17.57
CA ASP B 813 59.89 -23.73 -18.23
C ASP B 813 59.02 -22.53 -17.85
N ALA B 814 59.05 -22.16 -16.58
CA ALA B 814 58.28 -20.99 -16.15
C ALA B 814 58.89 -19.71 -16.71
N SER B 815 60.22 -19.60 -16.73
CA SER B 815 60.85 -18.40 -17.27
C SER B 815 60.57 -18.24 -18.76
N ALA B 816 60.52 -19.35 -19.50
CA ALA B 816 60.14 -19.27 -20.91
C ALA B 816 58.72 -18.74 -21.06
N ALA B 817 57.82 -19.16 -20.16
CA ALA B 817 56.46 -18.64 -20.19
C ALA B 817 56.41 -17.17 -19.77
N ARG B 818 57.25 -16.80 -18.79
CA ARG B 818 57.30 -15.39 -18.38
C ARG B 818 57.84 -14.51 -19.49
N ASP B 819 58.90 -14.95 -20.18
CA ASP B 819 59.46 -14.16 -21.27
C ASP B 819 58.44 -13.98 -22.39
N ALA B 820 57.63 -15.00 -22.67
CA ALA B 820 56.61 -14.89 -23.70
C ALA B 820 55.51 -13.91 -23.30
N ALA B 821 55.20 -13.83 -21.99
CA ALA B 821 54.25 -12.83 -21.52
C ALA B 821 54.81 -11.42 -21.67
N VAL B 822 56.09 -11.24 -21.36
CA VAL B 822 56.73 -9.93 -21.50
C VAL B 822 56.72 -9.51 -22.96
N GLN B 823 56.98 -10.43 -23.88
CA GLN B 823 56.93 -10.11 -25.30
C GLN B 823 55.53 -9.71 -25.73
N SER B 824 54.51 -10.38 -25.18
CA SER B 824 53.13 -10.05 -25.53
C SER B 824 52.77 -8.65 -25.06
N ALA B 825 53.10 -8.33 -23.82
CA ALA B 825 52.80 -6.99 -23.29
C ALA B 825 53.57 -5.92 -24.04
N ALA B 826 54.77 -6.24 -24.51
CA ALA B 826 55.55 -5.27 -25.29
C ALA B 826 54.85 -4.95 -26.61
N GLU B 827 54.34 -5.96 -27.30
CA GLU B 827 53.72 -5.75 -28.60
C GLU B 827 52.35 -5.10 -28.49
N ARG B 828 51.64 -5.31 -27.37
CA ARG B 828 50.25 -4.89 -27.27
C ARG B 828 50.05 -3.57 -26.52
N VAL B 829 50.89 -3.26 -25.53
CA VAL B 829 50.70 -2.03 -24.76
C VAL B 829 52.03 -1.29 -24.64
N GLY B 830 53.04 -1.76 -25.36
CA GLY B 830 54.34 -1.10 -25.32
C GLY B 830 55.08 -1.23 -24.00
N ALA B 831 54.83 -2.30 -23.25
CA ALA B 831 55.49 -2.48 -21.96
C ALA B 831 56.98 -2.69 -22.13
N VAL B 832 57.74 -2.18 -21.17
CA VAL B 832 59.20 -2.34 -21.12
C VAL B 832 59.55 -2.98 -19.79
N LEU B 833 60.37 -4.03 -19.85
CA LEU B 833 60.80 -4.71 -18.64
C LEU B 833 61.58 -3.74 -17.75
N ARG B 834 61.23 -3.70 -16.47
CA ARG B 834 61.83 -2.75 -15.53
C ARG B 834 63.29 -3.10 -15.30
N GLY B 835 64.15 -2.10 -15.37
CA GLY B 835 65.57 -2.29 -15.15
C GLY B 835 66.12 -1.45 -14.02
N PHE D . -7.33 -5.55 -5.43
CA PHE D . -7.87 -5.29 -4.10
C PHE D . -7.17 -4.12 -3.43
O PHE D . -6.17 -3.61 -3.94
CB PHE D . -7.74 -6.54 -3.22
CG PHE D . -8.39 -7.76 -3.80
CD1 PHE D . -7.66 -8.62 -4.61
CD2 PHE D . -9.71 -8.07 -3.54
CE1 PHE D . -8.24 -9.76 -5.15
CE2 PHE D . -10.30 -9.20 -4.07
CZ PHE D . -9.57 -10.04 -4.87
OXT PHE D . -7.55 -3.65 -2.36
C1 PGR E . -13.92 7.45 -14.12
C2 PGR E . -14.10 7.70 -15.60
C3 PGR E . -12.93 8.42 -16.20
O1 PGR E . -15.03 6.76 -13.56
O2 PGR E . -14.28 6.44 -16.26
MG MG F . -10.05 9.12 -8.91
C1 GOL G . 2.80 -14.65 -16.48
O1 GOL G . 3.89 -15.48 -16.80
C2 GOL G . 3.38 -13.25 -16.24
O2 GOL G . 2.39 -12.35 -15.83
C3 GOL G . 4.47 -13.44 -15.18
O3 GOL G . 5.15 -12.24 -15.07
C1 GOL H . -2.27 3.24 1.14
O1 GOL H . -3.60 3.48 0.82
C2 GOL H . -2.23 2.60 2.55
O2 GOL H . -1.19 3.09 3.30
C3 GOL H . -2.09 1.07 2.31
O3 GOL H . -1.46 0.56 3.45
C1 GOL I . -13.37 -17.89 13.55
O1 GOL I . -12.72 -18.89 12.82
C2 GOL I . -14.81 -17.76 12.99
O2 GOL I . -15.38 -16.53 13.27
C3 GOL I . -14.68 -18.04 11.47
O3 GOL I . -15.80 -17.47 10.87
MG MG J . -23.23 -8.77 -5.95
MG MG K . -13.11 -2.14 4.63
C1 PGR L . 0.80 -8.98 -21.48
C2 PGR L . 0.55 -10.09 -20.47
C3 PGR L . 0.08 -11.34 -21.14
O1 PGR L . 1.75 -9.40 -22.47
O2 PGR L . 1.75 -10.34 -19.75
S SO4 M . -17.55 3.76 -3.12
O1 SO4 M . -17.01 3.53 -4.45
O2 SO4 M . -17.06 2.73 -2.22
O3 SO4 M . -17.07 5.06 -2.65
O4 SO4 M . -19.01 3.72 -3.14
C1 PGR N . 28.12 0.60 6.17
C2 PGR N . 29.42 0.65 5.41
C3 PGR N . 29.43 1.75 4.39
O1 PGR N . 27.95 1.77 6.96
O2 PGR N . 30.49 0.83 6.32
C1 PGO O . -17.56 -23.74 10.60
C2 PGO O . -17.30 -24.44 9.28
C3 PGO O . -17.76 -25.87 9.31
O1 PGO O . -18.95 -23.75 10.93
O2 PGO O . -15.91 -24.39 8.98
MG MG P . 60.85 -18.66 -8.54
MG MG Q . 62.77 -19.11 -6.14
MG MG R . 77.50 -26.32 4.56
MG MG S . 76.60 -29.05 3.47
MG MG T . 80.78 -45.60 -1.84
MG MG U . 70.90 -15.72 7.24
MG MG V . 65.94 -29.35 13.40
#